data_5UC9
#
_entry.id   5UC9
#
_cell.length_a   77.751
_cell.length_b   82.900
_cell.length_c   137.051
_cell.angle_alpha   90.000
_cell.angle_beta   90.000
_cell.angle_gamma   90.000
#
_symmetry.space_group_name_H-M   'P 21 21 21'
#
loop_
_entity.id
_entity.type
_entity.pdbx_description
1 polymer 'Heme oxygenase 2'
2 non-polymer 'MYRISTIC ACID'
3 water water
#
_entity_poly.entity_id   1
_entity_poly.type   'polypeptide(L)'
_entity_poly.pdbx_seq_one_letter_code
;MGSSHHHHHHSSGMADLSELLKEGTKEAHDRAENTQFVKDFLKGNIKKELFKLATTALYFTYSALEEEMERNKDHPAFAP
LYFPMELHRKEALTKDMEYFFGENWEEQVQCPKAAQKYVERIHYIGQNEPELLVAHAYTRYMGDLSGGQVLKKVAQRALK
LPSTGEGTQFYLFENVDNAQQFKQLYRARMNALDLNMKTKERIVEEANKAFEYNMQIFNELDQAGS
;
_entity_poly.pdbx_strand_id   A,B,C,D
#
# COMPACT_ATOMS: atom_id res chain seq x y z
N ALA A 15 -16.38 6.60 22.25
CA ALA A 15 -16.91 7.58 21.30
C ALA A 15 -18.31 7.21 20.80
N ASP A 16 -18.93 8.14 20.10
CA ASP A 16 -20.30 7.94 19.60
C ASP A 16 -20.33 6.81 18.57
N LEU A 17 -21.29 5.90 18.71
CA LEU A 17 -21.44 4.80 17.75
C LEU A 17 -21.57 5.31 16.32
N SER A 18 -22.33 6.40 16.11
CA SER A 18 -22.47 6.97 14.79
C SER A 18 -21.13 7.42 14.22
N GLU A 19 -20.26 7.95 15.09
CA GLU A 19 -18.94 8.37 14.64
C GLU A 19 -18.06 7.18 14.31
N LEU A 20 -18.09 6.15 15.15
CA LEU A 20 -17.34 4.93 14.88
C LEU A 20 -17.78 4.30 13.56
N LEU A 21 -19.08 4.32 13.29
CA LEU A 21 -19.57 3.75 12.05
C LEU A 21 -19.12 4.56 10.84
N LYS A 22 -19.14 5.89 10.95
CA LYS A 22 -18.65 6.73 9.85
C LYS A 22 -17.20 6.37 9.52
N GLU A 23 -16.33 6.44 10.53
CA GLU A 23 -14.91 6.21 10.29
C GLU A 23 -14.64 4.74 9.95
N GLY A 24 -15.22 3.82 10.71
CA GLY A 24 -14.95 2.40 10.52
C GLY A 24 -15.50 1.78 9.25
N THR A 25 -16.36 2.48 8.51
CA THR A 25 -16.95 1.92 7.29
C THR A 25 -16.67 2.75 6.06
N LYS A 26 -15.89 3.81 6.17
CA LYS A 26 -15.64 4.69 5.02
C LYS A 26 -15.07 3.89 3.84
N GLU A 27 -14.10 3.02 4.09
CA GLU A 27 -13.45 2.32 2.98
C GLU A 27 -14.41 1.34 2.32
N ALA A 28 -15.06 0.49 3.11
CA ALA A 28 -16.03 -0.46 2.56
C ALA A 28 -17.18 0.27 1.88
N HIS A 29 -17.59 1.41 2.43
CA HIS A 29 -18.60 2.23 1.76
C HIS A 29 -18.12 2.68 0.39
N ASP A 30 -16.90 3.24 0.33
CA ASP A 30 -16.38 3.74 -0.94
C ASP A 30 -16.21 2.62 -1.96
N ARG A 31 -15.77 1.43 -1.50
CA ARG A 31 -15.60 0.30 -2.41
C ARG A 31 -16.93 -0.04 -3.08
N ALA A 32 -18.01 -0.11 -2.30
CA ALA A 32 -19.31 -0.44 -2.87
C ALA A 32 -19.81 0.66 -3.81
N GLU A 33 -19.66 1.93 -3.41
CA GLU A 33 -20.02 3.05 -4.26
C GLU A 33 -19.25 3.07 -5.58
N ASN A 34 -18.08 2.43 -5.62
CA ASN A 34 -17.25 2.44 -6.82
C ASN A 34 -17.43 1.20 -7.68
N THR A 35 -18.43 0.36 -7.39
CA THR A 35 -18.68 -0.78 -8.25
C THR A 35 -19.19 -0.33 -9.61
N GLN A 36 -19.05 -1.21 -10.59
CA GLN A 36 -19.45 -0.87 -11.95
C GLN A 36 -20.96 -0.65 -12.04
N PHE A 37 -21.74 -1.44 -11.31
CA PHE A 37 -23.19 -1.29 -11.36
C PHE A 37 -23.62 0.09 -10.90
N VAL A 38 -23.03 0.59 -9.81
CA VAL A 38 -23.41 1.90 -9.31
C VAL A 38 -23.00 3.00 -10.30
N LYS A 39 -21.79 2.92 -10.82
CA LYS A 39 -21.35 3.96 -11.74
C LYS A 39 -22.18 3.95 -13.03
N ASP A 40 -22.57 2.77 -13.52
CA ASP A 40 -23.46 2.69 -14.67
C ASP A 40 -24.83 3.28 -14.35
N PHE A 41 -25.40 2.86 -13.21
CA PHE A 41 -26.73 3.35 -12.86
C PHE A 41 -26.76 4.87 -12.84
N LEU A 42 -25.83 5.50 -12.12
CA LEU A 42 -25.83 6.95 -11.98
C LEU A 42 -25.67 7.65 -13.33
N LYS A 43 -25.04 6.99 -14.30
CA LYS A 43 -24.95 7.49 -15.67
C LYS A 43 -26.23 7.28 -16.47
N GLY A 44 -27.23 6.61 -15.90
CA GLY A 44 -28.42 6.26 -16.64
C GLY A 44 -28.30 5.01 -17.48
N ASN A 45 -27.23 4.24 -17.31
CA ASN A 45 -26.93 3.09 -18.18
C ASN A 45 -27.47 1.79 -17.62
N ILE A 46 -28.67 1.80 -17.06
CA ILE A 46 -29.24 0.63 -16.41
C ILE A 46 -30.55 0.31 -17.12
N LYS A 47 -30.62 -0.86 -17.76
CA LYS A 47 -31.80 -1.20 -18.55
C LYS A 47 -32.89 -1.79 -17.66
N LYS A 48 -34.11 -1.88 -18.20
CA LYS A 48 -35.26 -2.24 -17.38
C LYS A 48 -35.12 -3.62 -16.74
N GLU A 49 -34.75 -4.64 -17.53
CA GLU A 49 -34.69 -5.98 -16.93
C GLU A 49 -33.69 -6.04 -15.80
N LEU A 50 -32.52 -5.40 -15.98
CA LEU A 50 -31.53 -5.43 -14.92
C LEU A 50 -31.98 -4.64 -13.69
N PHE A 51 -32.69 -3.53 -13.91
CA PHE A 51 -33.27 -2.80 -12.79
C PHE A 51 -34.34 -3.63 -12.07
N LYS A 52 -35.04 -4.49 -12.80
CA LYS A 52 -36.03 -5.37 -12.18
C LYS A 52 -35.36 -6.40 -11.29
N LEU A 53 -34.19 -6.88 -11.71
CA LEU A 53 -33.41 -7.80 -10.87
C LEU A 53 -32.88 -7.09 -9.63
N ALA A 54 -32.38 -5.86 -9.79
CA ALA A 54 -31.89 -5.12 -8.62
C ALA A 54 -33.03 -4.86 -7.65
N THR A 55 -34.22 -4.59 -8.18
CA THR A 55 -35.40 -4.33 -7.34
C THR A 55 -35.86 -5.60 -6.63
N THR A 56 -35.81 -6.74 -7.32
CA THR A 56 -36.05 -8.02 -6.69
C THR A 56 -35.14 -8.22 -5.49
N ALA A 57 -33.85 -7.94 -5.66
CA ALA A 57 -32.91 -8.11 -4.55
C ALA A 57 -33.30 -7.24 -3.36
N LEU A 58 -33.73 -6.00 -3.62
CA LEU A 58 -34.17 -5.13 -2.54
C LEU A 58 -35.41 -5.68 -1.86
N TYR A 59 -36.36 -6.19 -2.64
CA TYR A 59 -37.58 -6.71 -2.03
C TYR A 59 -37.24 -7.78 -1.01
N PHE A 60 -36.44 -8.79 -1.40
CA PHE A 60 -36.15 -9.86 -0.47
C PHE A 60 -35.31 -9.36 0.69
N THR A 61 -34.40 -8.44 0.42
CA THR A 61 -33.57 -7.89 1.49
C THR A 61 -34.42 -7.16 2.52
N TYR A 62 -35.26 -6.23 2.07
CA TYR A 62 -36.04 -5.45 3.03
C TYR A 62 -37.15 -6.27 3.65
N SER A 63 -37.68 -7.26 2.93
CA SER A 63 -38.60 -8.19 3.57
C SER A 63 -37.95 -8.85 4.78
N ALA A 64 -36.71 -9.36 4.61
CA ALA A 64 -36.02 -10.03 5.71
C ALA A 64 -35.71 -9.06 6.84
N LEU A 65 -35.17 -7.90 6.51
CA LEU A 65 -34.76 -6.93 7.52
C LEU A 65 -35.95 -6.50 8.37
N GLU A 66 -37.08 -6.22 7.73
CA GLU A 66 -38.24 -5.73 8.46
C GLU A 66 -38.91 -6.85 9.25
N GLU A 67 -38.83 -8.10 8.78
CA GLU A 67 -39.32 -9.21 9.61
C GLU A 67 -38.52 -9.30 10.90
N GLU A 68 -37.20 -9.08 10.82
CA GLU A 68 -36.34 -9.20 11.99
C GLU A 68 -36.47 -7.98 12.92
N MET A 69 -36.67 -6.78 12.37
CA MET A 69 -36.93 -5.63 13.22
C MET A 69 -38.28 -5.77 13.96
N GLU A 70 -39.32 -6.25 13.29
CA GLU A 70 -40.56 -6.50 14.00
C GLU A 70 -40.36 -7.53 15.11
N ARG A 71 -39.56 -8.56 14.84
CA ARG A 71 -39.31 -9.60 15.85
C ARG A 71 -38.64 -9.00 17.09
N ASN A 72 -37.76 -8.03 16.88
CA ASN A 72 -37.05 -7.42 17.99
C ASN A 72 -37.58 -6.05 18.36
N LYS A 73 -38.83 -5.74 17.99
CA LYS A 73 -39.35 -4.39 18.20
C LYS A 73 -39.36 -3.98 19.68
N ASP A 74 -39.40 -4.95 20.60
CA ASP A 74 -39.35 -4.63 22.02
C ASP A 74 -37.97 -4.85 22.63
N HIS A 75 -37.01 -5.39 21.88
CA HIS A 75 -35.73 -5.70 22.46
C HIS A 75 -34.99 -4.42 22.84
N PRO A 76 -34.42 -4.33 24.05
CA PRO A 76 -33.84 -3.05 24.50
C PRO A 76 -32.68 -2.57 23.65
N ALA A 77 -31.95 -3.45 22.97
CA ALA A 77 -30.87 -3.04 22.09
C ALA A 77 -31.35 -2.63 20.70
N PHE A 78 -32.65 -2.62 20.46
CA PHE A 78 -33.15 -2.18 19.16
C PHE A 78 -34.43 -1.36 19.22
N ALA A 79 -35.29 -1.53 20.22
CA ALA A 79 -36.60 -0.90 20.24
C ALA A 79 -36.62 0.59 19.88
N PRO A 80 -35.72 1.44 20.38
CA PRO A 80 -35.82 2.87 20.04
C PRO A 80 -35.70 3.14 18.55
N LEU A 81 -35.24 2.19 17.75
CA LEU A 81 -35.10 2.42 16.32
C LEU A 81 -36.17 1.73 15.52
N TYR A 82 -37.23 1.25 16.15
CA TYR A 82 -38.30 0.59 15.43
C TYR A 82 -39.22 1.66 14.85
N PHE A 83 -39.19 1.82 13.53
CA PHE A 83 -39.93 2.87 12.82
C PHE A 83 -40.72 2.29 11.67
N PRO A 84 -41.69 1.41 11.94
CA PRO A 84 -42.43 0.81 10.82
C PRO A 84 -43.13 1.83 9.96
N MET A 85 -43.78 2.83 10.56
CA MET A 85 -44.53 3.78 9.73
C MET A 85 -43.60 4.65 8.90
N GLU A 86 -42.50 5.12 9.48
CA GLU A 86 -41.63 6.09 8.82
C GLU A 86 -40.67 5.45 7.82
N LEU A 87 -40.15 4.27 8.13
CA LEU A 87 -39.02 3.73 7.36
C LEU A 87 -39.35 2.50 6.53
N HIS A 88 -40.21 1.60 7.00
CA HIS A 88 -40.29 0.29 6.34
C HIS A 88 -40.61 0.43 4.87
N ARG A 89 -39.93 -0.39 4.06
CA ARG A 89 -39.96 -0.30 2.61
C ARG A 89 -40.72 -1.43 1.95
N LYS A 90 -41.10 -2.47 2.70
CA LYS A 90 -41.62 -3.68 2.05
C LYS A 90 -42.88 -3.39 1.26
N GLU A 91 -43.79 -2.59 1.82
CA GLU A 91 -45.01 -2.24 1.09
C GLU A 91 -44.72 -1.43 -0.17
N ALA A 92 -43.78 -0.47 -0.09
CA ALA A 92 -43.37 0.30 -1.26
C ALA A 92 -42.77 -0.61 -2.33
N LEU A 93 -41.88 -1.51 -1.92
CA LEU A 93 -41.25 -2.40 -2.89
C LEU A 93 -42.25 -3.33 -3.52
N THR A 94 -43.25 -3.76 -2.75
CA THR A 94 -44.32 -4.59 -3.31
C THR A 94 -45.02 -3.86 -4.44
N LYS A 95 -45.33 -2.58 -4.24
CA LYS A 95 -45.94 -1.81 -5.32
C LYS A 95 -45.02 -1.73 -6.53
N ASP A 96 -43.72 -1.56 -6.31
CA ASP A 96 -42.79 -1.48 -7.43
C ASP A 96 -42.70 -2.82 -8.16
N MET A 97 -42.69 -3.93 -7.42
CA MET A 97 -42.67 -5.25 -8.05
C MET A 97 -43.95 -5.48 -8.86
N GLU A 98 -45.11 -5.07 -8.32
CA GLU A 98 -46.36 -5.16 -9.07
C GLU A 98 -46.30 -4.34 -10.35
N TYR A 99 -45.73 -3.14 -10.28
CA TYR A 99 -45.60 -2.32 -11.49
C TYR A 99 -44.68 -2.97 -12.52
N PHE A 100 -43.50 -3.44 -12.10
CA PHE A 100 -42.54 -3.96 -13.05
C PHE A 100 -42.92 -5.35 -13.58
N PHE A 101 -43.56 -6.19 -12.77
CA PHE A 101 -43.85 -7.56 -13.18
C PHE A 101 -45.34 -7.86 -13.37
N GLY A 102 -46.25 -7.05 -12.84
CA GLY A 102 -47.66 -7.39 -12.84
C GLY A 102 -48.07 -8.15 -11.60
N GLU A 103 -49.39 -8.37 -11.49
CA GLU A 103 -50.01 -8.84 -10.24
C GLU A 103 -49.41 -10.16 -9.74
N ASN A 104 -49.00 -11.05 -10.66
CA ASN A 104 -48.44 -12.34 -10.29
C ASN A 104 -46.92 -12.28 -10.18
N TRP A 105 -46.38 -11.17 -9.69
CA TRP A 105 -44.94 -10.98 -9.67
C TRP A 105 -44.22 -12.01 -8.81
N GLU A 106 -44.85 -12.45 -7.71
CA GLU A 106 -44.16 -13.36 -6.79
C GLU A 106 -43.75 -14.66 -7.48
N GLU A 107 -44.58 -15.16 -8.40
CA GLU A 107 -44.21 -16.37 -9.13
C GLU A 107 -43.08 -16.12 -10.13
N GLN A 108 -42.82 -14.87 -10.49
CA GLN A 108 -41.89 -14.59 -11.57
C GLN A 108 -40.46 -14.40 -11.10
N VAL A 109 -40.20 -14.28 -9.81
CA VAL A 109 -38.88 -13.90 -9.36
C VAL A 109 -38.28 -15.04 -8.54
N GLN A 110 -36.96 -15.02 -8.46
CA GLN A 110 -36.23 -15.77 -7.44
C GLN A 110 -35.16 -14.85 -6.85
N CYS A 111 -34.87 -15.07 -5.58
CA CYS A 111 -33.84 -14.27 -4.92
C CYS A 111 -32.48 -14.54 -5.58
N PRO A 112 -31.73 -13.50 -5.96
CA PRO A 112 -30.35 -13.70 -6.42
C PRO A 112 -29.48 -14.26 -5.31
N LYS A 113 -28.45 -15.01 -5.72
CA LYS A 113 -27.71 -15.85 -4.78
C LYS A 113 -27.02 -15.02 -3.71
N ALA A 114 -26.33 -13.95 -4.11
CA ALA A 114 -25.70 -13.12 -3.09
C ALA A 114 -26.73 -12.42 -2.22
N ALA A 115 -27.90 -12.09 -2.77
CA ALA A 115 -28.94 -11.51 -1.94
C ALA A 115 -29.48 -12.53 -0.96
N GLN A 116 -29.63 -13.79 -1.39
CA GLN A 116 -30.06 -14.85 -0.48
C GLN A 116 -29.07 -14.99 0.68
N LYS A 117 -27.77 -14.81 0.41
CA LYS A 117 -26.77 -14.89 1.46
C LYS A 117 -26.90 -13.74 2.44
N TYR A 118 -27.15 -12.53 1.92
CA TYR A 118 -27.40 -11.41 2.82
C TYR A 118 -28.67 -11.64 3.64
N VAL A 119 -29.71 -12.17 3.00
CA VAL A 119 -30.99 -12.42 3.68
C VAL A 119 -30.80 -13.41 4.82
N GLU A 120 -29.99 -14.46 4.60
CA GLU A 120 -29.70 -15.41 5.68
C GLU A 120 -28.97 -14.75 6.84
N ARG A 121 -28.01 -13.86 6.53
CA ARG A 121 -27.25 -13.18 7.57
C ARG A 121 -28.14 -12.26 8.40
N ILE A 122 -29.08 -11.58 7.76
CA ILE A 122 -30.06 -10.77 8.48
C ILE A 122 -30.89 -11.64 9.42
N HIS A 123 -31.37 -12.78 8.93
CA HIS A 123 -32.15 -13.67 9.79
C HIS A 123 -31.31 -14.20 10.94
N TYR A 124 -30.05 -14.58 10.67
CA TYR A 124 -29.19 -15.04 11.76
C TYR A 124 -29.03 -13.95 12.81
N ILE A 125 -28.68 -12.73 12.37
CA ILE A 125 -28.42 -11.64 13.30
C ILE A 125 -29.64 -11.38 14.17
N GLY A 126 -30.82 -11.31 13.55
CA GLY A 126 -32.02 -10.97 14.28
C GLY A 126 -32.50 -12.07 15.21
N GLN A 127 -32.13 -13.31 14.95
CA GLN A 127 -32.54 -14.41 15.80
C GLN A 127 -31.48 -14.80 16.82
N ASN A 128 -30.23 -14.38 16.63
CA ASN A 128 -29.17 -14.84 17.51
C ASN A 128 -28.37 -13.71 18.16
N GLU A 129 -28.21 -12.57 17.49
CA GLU A 129 -27.44 -11.44 18.01
C GLU A 129 -28.18 -10.16 17.73
N PRO A 130 -29.34 -9.94 18.36
CA PRO A 130 -30.17 -8.78 18.03
C PRO A 130 -29.48 -7.44 18.28
N GLU A 131 -28.47 -7.38 19.14
CA GLU A 131 -27.77 -6.12 19.36
C GLU A 131 -27.00 -5.66 18.13
N LEU A 132 -26.82 -6.53 17.16
CA LEU A 132 -26.15 -6.12 15.93
C LEU A 132 -27.12 -5.72 14.83
N LEU A 133 -28.43 -5.88 15.04
CA LEU A 133 -29.38 -5.56 13.98
C LEU A 133 -29.30 -4.08 13.58
N VAL A 134 -28.88 -3.21 14.49
CA VAL A 134 -28.72 -1.79 14.17
C VAL A 134 -27.69 -1.58 13.07
N ALA A 135 -26.66 -2.44 13.01
CA ALA A 135 -25.66 -2.28 11.97
C ALA A 135 -26.31 -2.34 10.59
N HIS A 136 -27.31 -3.21 10.43
CA HIS A 136 -27.99 -3.35 9.15
C HIS A 136 -29.05 -2.28 8.95
N ALA A 137 -29.81 -1.96 10.00
CA ALA A 137 -30.87 -0.95 9.87
C ALA A 137 -30.27 0.42 9.58
N TYR A 138 -29.23 0.79 10.32
CA TYR A 138 -28.61 2.10 10.11
C TYR A 138 -28.05 2.22 8.70
N THR A 139 -27.26 1.23 8.30
CA THR A 139 -26.61 1.29 7.00
C THR A 139 -27.61 1.35 5.86
N ARG A 140 -28.69 0.57 5.93
CA ARG A 140 -29.67 0.59 4.85
C ARG A 140 -30.49 1.89 4.88
N TYR A 141 -31.18 2.18 6.00
CA TYR A 141 -32.19 3.23 5.96
C TYR A 141 -31.59 4.63 5.95
N MET A 142 -30.44 4.84 6.60
CA MET A 142 -29.84 6.16 6.57
C MET A 142 -29.30 6.48 5.17
N GLY A 143 -28.75 5.48 4.49
CA GLY A 143 -28.40 5.66 3.09
C GLY A 143 -29.62 5.88 2.20
N ASP A 144 -30.70 5.11 2.43
CA ASP A 144 -31.91 5.25 1.62
C ASP A 144 -32.45 6.66 1.70
N LEU A 145 -32.49 7.22 2.92
CA LEU A 145 -33.09 8.54 3.13
C LEU A 145 -32.28 9.63 2.44
N SER A 146 -30.96 9.60 2.63
CA SER A 146 -30.08 10.56 1.95
C SER A 146 -30.21 10.47 0.44
N GLY A 147 -30.17 9.24 -0.12
CA GLY A 147 -30.04 9.08 -1.54
C GLY A 147 -31.32 8.98 -2.35
N GLY A 148 -32.48 8.88 -1.70
CA GLY A 148 -33.71 8.51 -2.39
C GLY A 148 -34.05 9.41 -3.56
N GLN A 149 -34.11 10.73 -3.33
CA GLN A 149 -34.52 11.63 -4.39
C GLN A 149 -33.59 11.56 -5.59
N VAL A 150 -32.27 11.48 -5.35
CA VAL A 150 -31.35 11.41 -6.49
C VAL A 150 -31.58 10.13 -7.29
N LEU A 151 -31.66 8.99 -6.58
CA LEU A 151 -31.79 7.71 -7.27
C LEU A 151 -33.12 7.60 -8.01
N LYS A 152 -34.20 8.10 -7.40
CA LYS A 152 -35.51 8.10 -8.05
C LYS A 152 -35.48 8.87 -9.37
N LYS A 153 -34.84 10.05 -9.38
CA LYS A 153 -34.80 10.84 -10.60
C LYS A 153 -34.01 10.13 -11.70
N VAL A 154 -32.87 9.56 -11.34
CA VAL A 154 -32.06 8.84 -12.33
C VAL A 154 -32.86 7.70 -12.96
N ALA A 155 -33.54 6.91 -12.14
CA ALA A 155 -34.25 5.74 -12.68
C ALA A 155 -35.47 6.16 -13.50
N GLN A 156 -36.20 7.17 -13.04
CA GLN A 156 -37.37 7.62 -13.81
C GLN A 156 -36.97 8.08 -15.19
N ARG A 157 -35.89 8.87 -15.28
CA ARG A 157 -35.43 9.37 -16.57
C ARG A 157 -34.91 8.22 -17.43
N ALA A 158 -33.99 7.43 -16.89
CA ALA A 158 -33.36 6.37 -17.66
C ALA A 158 -34.36 5.35 -18.18
N LEU A 159 -35.33 4.96 -17.35
CA LEU A 159 -36.31 3.97 -17.73
C LEU A 159 -37.62 4.57 -18.26
N LYS A 160 -37.71 5.89 -18.35
CA LYS A 160 -38.93 6.56 -18.84
C LYS A 160 -40.16 6.11 -18.05
N LEU A 161 -40.06 6.20 -16.71
CA LEU A 161 -41.12 5.69 -15.86
C LEU A 161 -42.26 6.71 -15.75
N PRO A 162 -43.46 6.25 -15.35
CA PRO A 162 -44.60 7.18 -15.27
C PRO A 162 -44.34 8.34 -14.34
N SER A 163 -44.82 9.52 -14.74
CA SER A 163 -44.67 10.72 -13.91
C SER A 163 -45.27 10.49 -12.53
N THR A 164 -46.26 9.62 -12.43
CA THR A 164 -46.98 9.41 -11.18
C THR A 164 -46.23 8.57 -10.16
N GLY A 165 -45.02 8.11 -10.47
CA GLY A 165 -44.15 7.53 -9.45
C GLY A 165 -44.08 6.01 -9.46
N GLU A 166 -44.85 5.34 -10.32
CA GLU A 166 -44.81 3.89 -10.40
C GLU A 166 -43.38 3.40 -10.65
N GLY A 167 -43.01 2.31 -9.97
CA GLY A 167 -41.70 1.75 -10.11
C GLY A 167 -40.62 2.37 -9.25
N THR A 168 -40.89 3.50 -8.58
CA THR A 168 -39.86 4.14 -7.76
C THR A 168 -40.36 4.46 -6.35
N GLN A 169 -41.42 3.80 -5.87
CA GLN A 169 -41.91 4.11 -4.53
C GLN A 169 -40.94 3.73 -3.42
N PHE A 170 -40.05 2.75 -3.66
CA PHE A 170 -39.01 2.44 -2.70
C PHE A 170 -38.22 3.67 -2.28
N TYR A 171 -38.02 4.61 -3.20
CA TYR A 171 -37.12 5.75 -2.98
C TYR A 171 -37.81 6.93 -2.32
N LEU A 172 -39.12 6.87 -2.14
CA LEU A 172 -39.90 7.97 -1.59
C LEU A 172 -40.37 7.58 -0.18
N PHE A 173 -40.03 8.40 0.80
CA PHE A 173 -40.46 8.14 2.17
C PHE A 173 -41.68 9.02 2.44
N GLU A 174 -42.88 8.44 2.19
CA GLU A 174 -44.11 9.22 2.26
C GLU A 174 -44.36 9.78 3.66
N ASN A 175 -43.85 9.12 4.70
CA ASN A 175 -44.14 9.53 6.07
C ASN A 175 -42.96 10.17 6.77
N VAL A 176 -41.95 10.63 6.02
CA VAL A 176 -40.83 11.35 6.64
C VAL A 176 -40.85 12.75 6.05
N ASP A 177 -41.34 13.71 6.84
CA ASP A 177 -41.47 15.08 6.38
C ASP A 177 -40.12 15.65 5.95
N ASN A 178 -39.09 15.45 6.77
CA ASN A 178 -37.80 16.08 6.53
C ASN A 178 -36.69 15.08 6.84
N ALA A 179 -35.95 14.64 5.79
CA ALA A 179 -34.98 13.56 5.96
C ALA A 179 -33.82 13.95 6.86
N GLN A 180 -33.41 15.22 6.84
CA GLN A 180 -32.26 15.60 7.65
C GLN A 180 -32.62 15.64 9.14
N GLN A 181 -33.82 16.12 9.49
CA GLN A 181 -34.28 16.05 10.88
C GLN A 181 -34.44 14.60 11.34
N PHE A 182 -34.98 13.73 10.47
CA PHE A 182 -35.17 12.35 10.91
C PHE A 182 -33.83 11.64 11.06
N LYS A 183 -32.91 11.83 10.11
CA LYS A 183 -31.59 11.23 10.23
C LYS A 183 -30.92 11.65 11.53
N GLN A 184 -31.14 12.91 11.93
CA GLN A 184 -30.57 13.40 13.19
C GLN A 184 -31.22 12.71 14.38
N LEU A 185 -32.54 12.57 14.36
CA LEU A 185 -33.23 11.90 15.44
C LEU A 185 -32.77 10.44 15.53
N TYR A 186 -32.71 9.76 14.39
CA TYR A 186 -32.28 8.37 14.35
C TYR A 186 -30.87 8.22 14.90
N ARG A 187 -29.95 9.10 14.50
CA ARG A 187 -28.57 9.01 14.97
C ARG A 187 -28.48 9.22 16.47
N ALA A 188 -29.21 10.22 16.99
CA ALA A 188 -29.18 10.50 18.42
C ALA A 188 -29.72 9.32 19.22
N ARG A 189 -30.75 8.64 18.72
CA ARG A 189 -31.24 7.45 19.42
C ARG A 189 -30.22 6.31 19.37
N MET A 190 -29.56 6.12 18.23
CA MET A 190 -28.56 5.06 18.14
C MET A 190 -27.40 5.31 19.10
N ASN A 191 -26.94 6.56 19.20
CA ASN A 191 -25.84 6.90 20.09
C ASN A 191 -26.22 6.77 21.56
N ALA A 192 -27.52 6.75 21.87
CA ALA A 192 -27.98 6.63 23.25
C ALA A 192 -28.24 5.19 23.66
N LEU A 193 -28.08 4.22 22.75
CA LEU A 193 -28.20 2.82 23.17
C LEU A 193 -27.11 2.51 24.19
N ASP A 194 -27.49 1.82 25.25
CA ASP A 194 -26.56 1.48 26.33
C ASP A 194 -25.66 0.35 25.86
N LEU A 195 -24.46 0.70 25.38
CA LEU A 195 -23.55 -0.28 24.80
C LEU A 195 -22.13 0.03 25.24
N ASN A 196 -21.39 -1.03 25.58
CA ASN A 196 -19.97 -0.91 25.89
C ASN A 196 -19.16 -0.87 24.60
N MET A 197 -17.84 -0.76 24.73
CA MET A 197 -16.98 -0.67 23.55
C MET A 197 -16.87 -2.02 22.84
N LYS A 198 -17.07 -3.12 23.56
CA LYS A 198 -17.02 -4.44 22.93
C LYS A 198 -18.09 -4.57 21.85
N THR A 199 -19.35 -4.30 22.21
CA THR A 199 -20.45 -4.47 21.26
C THR A 199 -20.45 -3.37 20.19
N LYS A 200 -20.05 -2.15 20.55
CA LYS A 200 -19.95 -1.09 19.55
C LYS A 200 -18.99 -1.48 18.44
N GLU A 201 -17.89 -2.15 18.78
CA GLU A 201 -16.93 -2.56 17.75
C GLU A 201 -17.50 -3.67 16.88
N ARG A 202 -18.27 -4.59 17.48
CA ARG A 202 -18.92 -5.62 16.69
C ARG A 202 -19.93 -5.00 15.72
N ILE A 203 -20.64 -3.96 16.17
CA ILE A 203 -21.62 -3.31 15.31
C ILE A 203 -20.93 -2.69 14.10
N VAL A 204 -19.75 -2.10 14.30
CA VAL A 204 -19.00 -1.53 13.18
C VAL A 204 -18.59 -2.64 12.22
N GLU A 205 -18.13 -3.76 12.76
CA GLU A 205 -17.71 -4.88 11.91
C GLU A 205 -18.90 -5.48 11.17
N GLU A 206 -20.07 -5.53 11.83
CA GLU A 206 -21.27 -6.01 11.13
C GLU A 206 -21.68 -5.06 10.02
N ALA A 207 -21.53 -3.75 10.24
CA ALA A 207 -21.83 -2.79 9.18
C ALA A 207 -20.91 -2.99 7.98
N ASN A 208 -19.62 -3.19 8.22
CA ASN A 208 -18.71 -3.48 7.13
C ASN A 208 -19.12 -4.76 6.39
N LYS A 209 -19.51 -5.78 7.16
CA LYS A 209 -20.07 -7.00 6.58
C LYS A 209 -21.24 -6.70 5.64
N ALA A 210 -22.13 -5.80 6.07
CA ALA A 210 -23.26 -5.43 5.22
C ALA A 210 -22.81 -4.77 3.92
N PHE A 211 -21.82 -3.88 4.00
CA PHE A 211 -21.32 -3.24 2.78
C PHE A 211 -20.70 -4.27 1.86
N GLU A 212 -20.16 -5.35 2.42
CA GLU A 212 -19.56 -6.40 1.59
C GLU A 212 -20.64 -7.17 0.84
N TYR A 213 -21.68 -7.60 1.55
CA TYR A 213 -22.85 -8.17 0.88
C TYR A 213 -23.39 -7.21 -0.18
N ASN A 214 -23.43 -5.92 0.16
CA ASN A 214 -23.81 -4.89 -0.79
C ASN A 214 -22.99 -4.97 -2.05
N MET A 215 -21.66 -5.02 -1.90
CA MET A 215 -20.77 -5.10 -3.04
C MET A 215 -20.98 -6.39 -3.82
N GLN A 216 -21.22 -7.50 -3.12
CA GLN A 216 -21.42 -8.76 -3.80
C GLN A 216 -22.75 -8.78 -4.58
N ILE A 217 -23.79 -8.12 -4.07
CA ILE A 217 -25.02 -8.06 -4.83
C ILE A 217 -24.83 -7.21 -6.08
N PHE A 218 -24.16 -6.05 -5.96
CA PHE A 218 -23.86 -5.21 -7.11
C PHE A 218 -23.10 -5.99 -8.18
N ASN A 219 -22.06 -6.73 -7.76
CA ASN A 219 -21.24 -7.44 -8.74
C ASN A 219 -22.01 -8.59 -9.38
N GLU A 220 -22.94 -9.19 -8.65
CA GLU A 220 -23.79 -10.21 -9.26
C GLU A 220 -24.73 -9.58 -10.28
N LEU A 221 -25.22 -8.37 -10.00
CA LEU A 221 -26.01 -7.65 -10.98
C LEU A 221 -25.19 -7.28 -12.21
N ASP A 222 -23.94 -6.87 -11.99
CA ASP A 222 -23.07 -6.50 -13.10
C ASP A 222 -22.94 -7.61 -14.13
N GLN A 223 -23.17 -8.86 -13.73
CA GLN A 223 -23.03 -10.00 -14.64
C GLN A 223 -24.33 -10.29 -15.43
N MET B 14 16.48 29.64 15.37
CA MET B 14 16.40 28.32 14.75
C MET B 14 15.64 28.39 13.40
N ALA B 15 16.15 27.67 12.40
CA ALA B 15 15.71 27.86 11.02
C ALA B 15 14.24 27.47 10.82
N ASP B 16 13.57 28.21 9.96
CA ASP B 16 12.22 27.84 9.55
C ASP B 16 12.29 26.68 8.57
N LEU B 17 11.32 25.77 8.69
CA LEU B 17 11.22 24.67 7.72
C LEU B 17 11.11 25.19 6.29
N SER B 18 10.33 26.26 6.07
CA SER B 18 10.24 26.81 4.73
C SER B 18 11.61 27.24 4.20
N GLU B 19 12.47 27.75 5.08
CA GLU B 19 13.79 28.18 4.64
C GLU B 19 14.66 26.98 4.33
N LEU B 20 14.58 25.93 5.17
CA LEU B 20 15.35 24.73 4.90
C LEU B 20 14.92 24.09 3.57
N LEU B 21 13.62 24.16 3.26
CA LEU B 21 13.15 23.60 1.99
C LEU B 21 13.65 24.42 0.83
N LYS B 22 13.54 25.75 0.92
CA LYS B 22 14.00 26.62 -0.16
C LYS B 22 15.47 26.35 -0.46
N GLU B 23 16.30 26.32 0.59
CA GLU B 23 17.73 26.07 0.41
C GLU B 23 18.00 24.64 -0.05
N GLY B 24 17.31 23.67 0.56
CA GLY B 24 17.70 22.29 0.35
C GLY B 24 17.22 21.65 -0.94
N THR B 25 16.20 22.22 -1.59
CA THR B 25 15.58 21.59 -2.77
C THR B 25 15.86 22.35 -4.07
N LYS B 26 16.76 23.34 -4.04
CA LYS B 26 16.98 24.17 -5.23
C LYS B 26 17.44 23.34 -6.42
N GLU B 27 18.38 22.42 -6.20
CA GLU B 27 18.97 21.70 -7.32
C GLU B 27 17.99 20.72 -7.95
N ALA B 28 17.23 19.98 -7.14
CA ALA B 28 16.24 19.07 -7.71
C ALA B 28 15.13 19.86 -8.40
N HIS B 29 14.71 20.96 -7.78
CA HIS B 29 13.69 21.81 -8.38
C HIS B 29 14.13 22.30 -9.75
N ASP B 30 15.39 22.74 -9.88
CA ASP B 30 15.89 23.27 -11.14
C ASP B 30 16.04 22.16 -12.19
N ARG B 31 16.46 20.97 -11.77
CA ARG B 31 16.54 19.84 -12.70
C ARG B 31 15.15 19.50 -13.25
N ALA B 32 14.12 19.55 -12.40
CA ALA B 32 12.76 19.30 -12.89
C ALA B 32 12.31 20.39 -13.84
N GLU B 33 12.62 21.66 -13.53
CA GLU B 33 12.21 22.74 -14.41
C GLU B 33 12.98 22.77 -15.72
N ASN B 34 14.16 22.14 -15.77
CA ASN B 34 14.95 22.16 -17.00
C ASN B 34 14.63 20.99 -17.94
N THR B 35 13.62 20.18 -17.63
CA THR B 35 13.28 19.08 -18.52
C THR B 35 12.70 19.60 -19.85
N GLN B 36 12.78 18.75 -20.88
CA GLN B 36 12.30 19.16 -22.19
C GLN B 36 10.79 19.38 -22.18
N PHE B 37 10.06 18.57 -21.40
CA PHE B 37 8.62 18.74 -21.32
C PHE B 37 8.27 20.14 -20.81
N VAL B 38 8.88 20.55 -19.70
CA VAL B 38 8.57 21.84 -19.12
C VAL B 38 8.93 22.96 -20.09
N LYS B 39 10.14 22.91 -20.66
CA LYS B 39 10.56 23.95 -21.58
C LYS B 39 9.66 24.00 -22.81
N ASP B 40 9.33 22.83 -23.37
CA ASP B 40 8.40 22.77 -24.49
C ASP B 40 7.05 23.35 -24.11
N PHE B 41 6.55 22.96 -22.93
CA PHE B 41 5.23 23.45 -22.54
C PHE B 41 5.20 24.96 -22.44
N LEU B 42 6.22 25.55 -21.81
CA LEU B 42 6.23 27.00 -21.62
C LEU B 42 6.40 27.75 -22.95
N LYS B 43 7.07 27.15 -23.94
CA LYS B 43 7.11 27.74 -25.28
C LYS B 43 5.79 27.60 -26.04
N GLY B 44 4.82 26.89 -25.47
CA GLY B 44 3.56 26.63 -26.16
C GLY B 44 3.58 25.41 -27.06
N ASN B 45 4.62 24.59 -26.98
CA ASN B 45 4.76 23.43 -27.86
C ASN B 45 4.24 22.17 -27.14
N ILE B 46 2.93 22.16 -26.93
CA ILE B 46 2.30 21.00 -26.31
C ILE B 46 1.04 20.68 -27.11
N LYS B 47 0.94 19.45 -27.59
CA LYS B 47 -0.23 19.06 -28.35
C LYS B 47 -1.29 18.47 -27.42
N LYS B 48 -2.52 18.38 -27.95
CA LYS B 48 -3.67 18.01 -27.13
C LYS B 48 -3.52 16.63 -26.50
N GLU B 49 -3.11 15.63 -27.30
CA GLU B 49 -3.02 14.29 -26.72
C GLU B 49 -1.98 14.23 -25.60
N LEU B 50 -0.86 14.93 -25.77
CA LEU B 50 0.13 14.95 -24.71
C LEU B 50 -0.38 15.73 -23.50
N PHE B 51 -1.11 16.83 -23.75
CA PHE B 51 -1.71 17.55 -22.63
C PHE B 51 -2.71 16.67 -21.89
N LYS B 52 -3.47 15.86 -22.63
CA LYS B 52 -4.43 14.96 -22.00
C LYS B 52 -3.73 13.93 -21.13
N LEU B 53 -2.53 13.48 -21.54
CA LEU B 53 -1.76 12.53 -20.73
C LEU B 53 -1.19 13.22 -19.51
N ALA B 54 -0.73 14.46 -19.65
CA ALA B 54 -0.24 15.19 -18.49
C ALA B 54 -1.37 15.42 -17.48
N THR B 55 -2.57 15.73 -17.95
CA THR B 55 -3.69 15.94 -17.04
C THR B 55 -4.10 14.66 -16.34
N THR B 56 -4.04 13.53 -17.05
CA THR B 56 -4.25 12.22 -16.43
C THR B 56 -3.30 12.02 -15.26
N ALA B 57 -2.01 12.30 -15.47
CA ALA B 57 -1.04 12.13 -14.39
C ALA B 57 -1.39 13.02 -13.21
N LEU B 58 -1.81 14.26 -13.48
CA LEU B 58 -2.28 15.13 -12.40
C LEU B 58 -3.47 14.54 -11.68
N TYR B 59 -4.45 14.00 -12.41
CA TYR B 59 -5.65 13.49 -11.76
C TYR B 59 -5.30 12.41 -10.74
N PHE B 60 -4.45 11.46 -11.13
CA PHE B 60 -4.13 10.37 -10.21
C PHE B 60 -3.25 10.84 -9.06
N THR B 61 -2.34 11.77 -9.32
CA THR B 61 -1.47 12.30 -8.28
C THR B 61 -2.28 13.03 -7.20
N TYR B 62 -3.13 13.96 -7.63
CA TYR B 62 -3.87 14.75 -6.65
C TYR B 62 -4.97 13.93 -5.99
N SER B 63 -5.54 12.95 -6.69
CA SER B 63 -6.48 12.06 -6.02
C SER B 63 -5.80 11.37 -4.82
N ALA B 64 -4.61 10.83 -5.04
CA ALA B 64 -3.86 10.17 -3.98
C ALA B 64 -3.45 11.17 -2.91
N LEU B 65 -2.96 12.35 -3.32
CA LEU B 65 -2.48 13.31 -2.35
C LEU B 65 -3.61 13.74 -1.42
N GLU B 66 -4.78 13.97 -1.98
CA GLU B 66 -5.88 14.47 -1.16
C GLU B 66 -6.53 13.37 -0.34
N GLU B 67 -6.49 12.13 -0.81
CA GLU B 67 -6.89 11.02 0.05
C GLU B 67 -6.02 10.98 1.31
N GLU B 68 -4.70 11.14 1.15
CA GLU B 68 -3.81 11.03 2.31
C GLU B 68 -3.90 12.25 3.23
N MET B 69 -4.15 13.43 2.67
CA MET B 69 -4.36 14.61 3.51
C MET B 69 -5.65 14.48 4.31
N GLU B 70 -6.72 13.96 3.67
CA GLU B 70 -7.94 13.70 4.41
C GLU B 70 -7.72 12.64 5.49
N ARG B 71 -6.94 11.60 5.18
CA ARG B 71 -6.66 10.59 6.19
C ARG B 71 -5.97 11.20 7.40
N ASN B 72 -5.13 12.21 7.20
CA ASN B 72 -4.35 12.81 8.28
C ASN B 72 -4.88 14.18 8.72
N LYS B 73 -6.15 14.46 8.45
CA LYS B 73 -6.69 15.78 8.68
C LYS B 73 -6.63 16.20 10.15
N ASP B 74 -6.56 15.25 11.08
CA ASP B 74 -6.45 15.52 12.50
C ASP B 74 -5.09 15.21 13.08
N HIS B 75 -4.17 14.66 12.29
CA HIS B 75 -2.84 14.37 12.81
C HIS B 75 -2.14 15.65 13.25
N PRO B 76 -1.54 15.69 14.45
CA PRO B 76 -0.84 16.91 14.92
C PRO B 76 0.27 17.39 13.99
N ALA B 77 0.92 16.51 13.23
CA ALA B 77 1.99 16.94 12.33
C ALA B 77 1.47 17.40 10.98
N PHE B 78 0.16 17.39 10.75
CA PHE B 78 -0.39 17.85 9.48
C PHE B 78 -1.62 18.72 9.60
N ALA B 79 -2.45 18.56 10.63
CA ALA B 79 -3.78 19.16 10.67
C ALA B 79 -3.84 20.66 10.38
N PRO B 80 -2.91 21.50 10.84
CA PRO B 80 -3.02 22.94 10.50
C PRO B 80 -2.96 23.22 9.01
N LEU B 81 -2.47 22.27 8.21
CA LEU B 81 -2.33 22.46 6.77
C LEU B 81 -3.46 21.81 5.96
N TYR B 82 -4.48 21.30 6.62
CA TYR B 82 -5.60 20.67 5.95
C TYR B 82 -6.50 21.76 5.37
N PHE B 83 -6.51 21.93 4.06
CA PHE B 83 -7.28 23.00 3.41
C PHE B 83 -8.08 22.44 2.26
N PRO B 84 -9.10 21.61 2.53
CA PRO B 84 -9.86 21.00 1.43
C PRO B 84 -10.59 22.01 0.58
N MET B 85 -11.27 22.99 1.18
CA MET B 85 -11.99 23.97 0.37
C MET B 85 -11.05 24.85 -0.47
N GLU B 86 -9.92 25.28 0.11
CA GLU B 86 -9.07 26.23 -0.62
C GLU B 86 -8.18 25.53 -1.64
N LEU B 87 -7.67 24.34 -1.34
CA LEU B 87 -6.58 23.79 -2.15
C LEU B 87 -6.95 22.60 -3.01
N HIS B 88 -7.91 21.77 -2.59
CA HIS B 88 -8.04 20.46 -3.23
C HIS B 88 -8.44 20.60 -4.71
N ARG B 89 -7.78 19.78 -5.55
CA ARG B 89 -7.89 19.85 -7.00
C ARG B 89 -8.65 18.70 -7.63
N LYS B 90 -8.98 17.64 -6.88
CA LYS B 90 -9.57 16.47 -7.53
C LYS B 90 -10.88 16.82 -8.25
N GLU B 91 -11.71 17.66 -7.65
CA GLU B 91 -12.93 18.06 -8.32
C GLU B 91 -12.63 18.82 -9.61
N ALA B 92 -11.70 19.78 -9.56
CA ALA B 92 -11.36 20.55 -10.77
C ALA B 92 -10.79 19.63 -11.85
N LEU B 93 -9.87 18.75 -11.47
CA LEU B 93 -9.27 17.83 -12.43
C LEU B 93 -10.34 16.90 -13.02
N THR B 94 -11.31 16.49 -12.21
CA THR B 94 -12.38 15.62 -12.74
C THR B 94 -13.13 16.33 -13.86
N LYS B 95 -13.45 17.62 -13.67
CA LYS B 95 -14.08 18.38 -14.76
C LYS B 95 -13.16 18.51 -15.95
N ASP B 96 -11.86 18.74 -15.72
CA ASP B 96 -10.95 18.84 -16.86
C ASP B 96 -10.89 17.51 -17.63
N MET B 97 -10.86 16.37 -16.93
CA MET B 97 -10.88 15.07 -17.60
C MET B 97 -12.18 14.86 -18.37
N GLU B 98 -13.32 15.21 -17.77
CA GLU B 98 -14.60 15.16 -18.49
C GLU B 98 -14.57 16.01 -19.75
N TYR B 99 -13.95 17.19 -19.68
CA TYR B 99 -13.93 18.07 -20.84
C TYR B 99 -13.10 17.48 -21.98
N PHE B 100 -11.92 16.94 -21.66
CA PHE B 100 -11.03 16.46 -22.71
C PHE B 100 -11.44 15.09 -23.24
N PHE B 101 -11.98 14.21 -22.38
CA PHE B 101 -12.30 12.86 -22.79
C PHE B 101 -13.78 12.57 -22.91
N GLY B 102 -14.64 13.39 -22.33
CA GLY B 102 -16.05 13.03 -22.25
C GLY B 102 -16.42 12.22 -21.02
N GLU B 103 -17.69 11.79 -21.01
CA GLU B 103 -18.28 11.18 -19.80
C GLU B 103 -17.58 9.88 -19.39
N ASN B 104 -17.08 9.11 -20.36
CA ASN B 104 -16.48 7.81 -20.09
C ASN B 104 -14.96 7.90 -19.96
N TRP B 105 -14.44 9.01 -19.42
CA TRP B 105 -13.00 9.22 -19.39
C TRP B 105 -12.27 8.13 -18.60
N GLU B 106 -12.91 7.60 -17.54
CA GLU B 106 -12.21 6.62 -16.70
C GLU B 106 -11.84 5.37 -17.47
N GLU B 107 -12.65 4.97 -18.44
CA GLU B 107 -12.33 3.78 -19.24
C GLU B 107 -11.30 4.05 -20.33
N GLN B 108 -10.99 5.32 -20.61
CA GLN B 108 -10.08 5.71 -21.68
C GLN B 108 -8.65 5.91 -21.22
N VAL B 109 -8.38 5.76 -19.93
CA VAL B 109 -7.20 6.33 -19.30
C VAL B 109 -6.45 5.21 -18.62
N GLN B 110 -5.13 5.27 -18.63
CA GLN B 110 -4.28 4.46 -17.77
C GLN B 110 -3.33 5.39 -17.05
N CYS B 111 -3.15 5.20 -15.73
CA CYS B 111 -2.18 6.02 -15.02
C CYS B 111 -0.78 5.75 -15.58
N PRO B 112 -0.04 6.77 -16.03
CA PRO B 112 1.32 6.55 -16.52
C PRO B 112 2.20 5.92 -15.45
N LYS B 113 3.23 5.19 -15.90
CA LYS B 113 4.00 4.35 -14.98
C LYS B 113 4.72 5.18 -13.92
N ALA B 114 5.45 6.24 -14.34
CA ALA B 114 6.14 7.09 -13.37
C ALA B 114 5.17 7.83 -12.46
N ALA B 115 3.99 8.20 -12.96
CA ALA B 115 3.01 8.81 -12.05
C ALA B 115 2.51 7.80 -11.03
N GLN B 116 2.31 6.55 -11.46
CA GLN B 116 1.88 5.50 -10.54
C GLN B 116 2.89 5.29 -9.43
N LYS B 117 4.19 5.35 -9.74
CA LYS B 117 5.23 5.25 -8.72
C LYS B 117 5.13 6.40 -7.71
N TYR B 118 4.85 7.61 -8.20
CA TYR B 118 4.67 8.74 -7.30
C TYR B 118 3.45 8.54 -6.41
N VAL B 119 2.34 8.08 -7.00
CA VAL B 119 1.13 7.77 -6.24
C VAL B 119 1.43 6.76 -5.14
N GLU B 120 2.26 5.76 -5.44
CA GLU B 120 2.56 4.76 -4.44
C GLU B 120 3.34 5.36 -3.28
N ARG B 121 4.27 6.25 -3.58
CA ARG B 121 5.04 6.91 -2.53
C ARG B 121 4.14 7.80 -1.67
N ILE B 122 3.20 8.51 -2.30
CA ILE B 122 2.26 9.36 -1.54
C ILE B 122 1.46 8.51 -0.57
N HIS B 123 0.94 7.38 -1.03
CA HIS B 123 0.20 6.50 -0.12
C HIS B 123 1.09 5.95 0.97
N TYR B 124 2.31 5.54 0.63
CA TYR B 124 3.24 5.08 1.65
C TYR B 124 3.42 6.14 2.75
N ILE B 125 3.71 7.36 2.33
CA ILE B 125 3.95 8.45 3.30
C ILE B 125 2.69 8.77 4.10
N GLY B 126 1.56 8.92 3.42
CA GLY B 126 0.34 9.24 4.15
C GLY B 126 -0.01 8.20 5.20
N GLN B 127 0.23 6.93 4.88
CA GLN B 127 -0.18 5.87 5.79
C GLN B 127 0.87 5.52 6.82
N ASN B 128 2.15 5.81 6.56
CA ASN B 128 3.19 5.27 7.43
C ASN B 128 4.16 6.30 7.98
N GLU B 129 4.33 7.44 7.31
CA GLU B 129 5.21 8.51 7.79
C GLU B 129 4.50 9.85 7.60
N PRO B 130 3.33 10.03 8.23
CA PRO B 130 2.50 11.22 7.92
C PRO B 130 3.16 12.53 8.27
N GLU B 131 4.20 12.53 9.12
CA GLU B 131 4.89 13.78 9.41
C GLU B 131 5.69 14.29 8.23
N LEU B 132 5.82 13.46 7.18
CA LEU B 132 6.47 13.88 5.96
C LEU B 132 5.47 14.22 4.86
N LEU B 133 4.17 14.04 5.10
CA LEU B 133 3.21 14.35 4.04
C LEU B 133 3.32 15.81 3.61
N VAL B 134 3.65 16.70 4.54
CA VAL B 134 3.82 18.12 4.19
C VAL B 134 4.84 18.33 3.07
N ALA B 135 5.87 17.46 2.98
CA ALA B 135 6.84 17.62 1.90
C ALA B 135 6.15 17.56 0.54
N HIS B 136 5.17 16.67 0.40
CA HIS B 136 4.44 16.58 -0.85
C HIS B 136 3.41 17.68 -0.99
N ALA B 137 2.72 18.02 0.09
CA ALA B 137 1.69 19.06 0.01
C ALA B 137 2.31 20.42 -0.28
N TYR B 138 3.37 20.77 0.47
CA TYR B 138 4.00 22.07 0.27
C TYR B 138 4.56 22.18 -1.13
N THR B 139 5.25 21.13 -1.59
CA THR B 139 5.87 21.18 -2.91
C THR B 139 4.85 21.32 -4.03
N ARG B 140 3.77 20.54 -3.99
CA ARG B 140 2.75 20.63 -5.03
C ARG B 140 1.95 21.93 -4.94
N TYR B 141 1.26 22.18 -3.81
CA TYR B 141 0.25 23.25 -3.82
C TYR B 141 0.87 24.64 -3.83
N MET B 142 2.03 24.84 -3.19
CA MET B 142 2.66 26.16 -3.25
C MET B 142 3.08 26.51 -4.67
N GLY B 143 3.68 25.55 -5.39
CA GLY B 143 3.99 25.81 -6.78
C GLY B 143 2.76 25.99 -7.65
N ASP B 144 1.68 25.25 -7.34
CA ASP B 144 0.42 25.43 -8.07
C ASP B 144 -0.12 26.84 -7.92
N LEU B 145 -0.16 27.32 -6.67
CA LEU B 145 -0.68 28.67 -6.40
C LEU B 145 0.19 29.73 -7.07
N SER B 146 1.52 29.57 -7.00
CA SER B 146 2.44 30.50 -7.65
C SER B 146 2.31 30.47 -9.16
N GLY B 147 2.11 29.29 -9.74
CA GLY B 147 2.24 29.17 -11.18
C GLY B 147 0.95 29.08 -11.95
N GLY B 148 -0.18 28.91 -11.25
CA GLY B 148 -1.42 28.56 -11.93
C GLY B 148 -1.81 29.53 -13.02
N GLN B 149 -1.74 30.84 -12.73
CA GLN B 149 -2.11 31.86 -13.70
C GLN B 149 -1.30 31.72 -14.99
N VAL B 150 0.02 31.64 -14.87
CA VAL B 150 0.86 31.58 -16.06
C VAL B 150 0.59 30.30 -16.86
N LEU B 151 0.58 29.15 -16.18
CA LEU B 151 0.40 27.89 -16.90
C LEU B 151 -0.99 27.80 -17.54
N LYS B 152 -2.02 28.30 -16.84
CA LYS B 152 -3.36 28.26 -17.41
C LYS B 152 -3.39 28.99 -18.75
N LYS B 153 -2.75 30.16 -18.82
CA LYS B 153 -2.78 30.94 -20.06
C LYS B 153 -1.98 30.28 -21.16
N VAL B 154 -0.82 29.71 -20.83
CA VAL B 154 -0.05 28.99 -21.83
C VAL B 154 -0.87 27.88 -22.43
N ALA B 155 -1.59 27.11 -21.59
CA ALA B 155 -2.36 25.99 -22.10
C ALA B 155 -3.54 26.46 -22.95
N GLN B 156 -4.27 27.49 -22.50
CA GLN B 156 -5.43 27.97 -23.25
C GLN B 156 -5.02 28.42 -24.65
N ARG B 157 -3.91 29.15 -24.76
CA ARG B 157 -3.45 29.60 -26.06
C ARG B 157 -3.03 28.42 -26.92
N ALA B 158 -2.10 27.61 -26.43
CA ALA B 158 -1.56 26.48 -27.20
C ALA B 158 -2.67 25.60 -27.74
N LEU B 159 -3.68 25.31 -26.93
CA LEU B 159 -4.70 24.35 -27.34
C LEU B 159 -6.02 24.99 -27.76
N LYS B 160 -6.08 26.33 -27.80
CA LYS B 160 -7.30 27.05 -28.16
C LYS B 160 -8.47 26.60 -27.28
N LEU B 161 -8.22 26.59 -25.98
CA LEU B 161 -9.24 26.23 -25.02
C LEU B 161 -10.12 27.44 -24.74
N PRO B 162 -11.36 27.22 -24.30
CA PRO B 162 -12.27 28.35 -24.06
C PRO B 162 -11.77 29.30 -22.98
N SER B 163 -12.01 30.59 -23.19
CA SER B 163 -11.67 31.59 -22.19
C SER B 163 -12.52 31.47 -20.93
N THR B 164 -13.63 30.75 -21.00
CA THR B 164 -14.46 30.51 -19.82
C THR B 164 -13.89 29.44 -18.88
N GLY B 165 -12.74 28.84 -19.21
CA GLY B 165 -11.97 28.08 -18.23
C GLY B 165 -12.01 26.57 -18.39
N GLU B 166 -12.82 26.03 -19.31
CA GLU B 166 -12.94 24.59 -19.46
C GLU B 166 -11.59 24.01 -19.86
N GLY B 167 -11.27 22.85 -19.26
CA GLY B 167 -10.02 22.18 -19.49
C GLY B 167 -8.85 22.71 -18.70
N THR B 168 -8.98 23.87 -18.04
CA THR B 168 -7.93 24.40 -17.19
C THR B 168 -8.40 24.72 -15.77
N GLN B 169 -9.45 24.06 -15.28
CA GLN B 169 -9.91 24.41 -13.94
C GLN B 169 -8.93 23.99 -12.85
N PHE B 170 -8.07 22.98 -13.12
CA PHE B 170 -6.99 22.64 -12.20
C PHE B 170 -6.16 23.87 -11.81
N TYR B 171 -5.97 24.80 -12.74
CA TYR B 171 -5.08 25.93 -12.55
C TYR B 171 -5.73 27.12 -11.85
N LEU B 172 -7.03 27.06 -11.61
CA LEU B 172 -7.77 28.16 -11.00
C LEU B 172 -8.16 27.77 -9.57
N PHE B 173 -7.72 28.56 -8.59
CA PHE B 173 -8.05 28.31 -7.17
C PHE B 173 -9.19 29.24 -6.80
N GLU B 174 -10.42 28.76 -7.02
CA GLU B 174 -11.60 29.61 -6.87
C GLU B 174 -11.76 30.10 -5.45
N ASN B 175 -11.33 29.32 -4.47
CA ASN B 175 -11.58 29.62 -3.07
C ASN B 175 -10.35 30.20 -2.38
N VAL B 176 -9.39 30.69 -3.13
CA VAL B 176 -8.25 31.40 -2.56
C VAL B 176 -8.37 32.87 -2.98
N ASP B 177 -8.55 33.74 -2.00
CA ASP B 177 -8.75 35.16 -2.32
C ASP B 177 -7.50 35.77 -2.93
N ASN B 178 -6.34 35.44 -2.39
CA ASN B 178 -5.10 36.08 -2.81
C ASN B 178 -4.02 35.04 -2.65
N ALA B 179 -3.41 34.62 -3.77
CA ALA B 179 -2.50 33.49 -3.72
C ALA B 179 -1.26 33.79 -2.89
N GLN B 180 -0.69 34.99 -3.02
CA GLN B 180 0.52 35.28 -2.25
C GLN B 180 0.24 35.32 -0.76
N GLN B 181 -0.88 35.93 -0.36
CA GLN B 181 -1.24 35.93 1.06
C GLN B 181 -1.48 34.51 1.57
N PHE B 182 -2.10 33.65 0.77
CA PHE B 182 -2.35 32.30 1.25
C PHE B 182 -1.05 31.53 1.45
N LYS B 183 -0.14 31.63 0.47
CA LYS B 183 1.18 31.01 0.60
C LYS B 183 1.90 31.48 1.87
N GLN B 184 1.78 32.78 2.21
CA GLN B 184 2.39 33.25 3.45
C GLN B 184 1.77 32.59 4.66
N LEU B 185 0.46 32.46 4.65
CA LEU B 185 -0.23 31.86 5.78
C LEU B 185 0.15 30.38 5.91
N TYR B 186 0.16 29.68 4.78
CA TYR B 186 0.55 28.28 4.76
C TYR B 186 1.96 28.10 5.31
N ARG B 187 2.92 28.90 4.82
CA ARG B 187 4.29 28.79 5.29
C ARG B 187 4.38 29.06 6.78
N ALA B 188 3.67 30.10 7.27
CA ALA B 188 3.70 30.38 8.70
C ALA B 188 3.20 29.20 9.52
N ARG B 189 2.10 28.56 9.08
CA ARG B 189 1.60 27.38 9.79
C ARG B 189 2.59 26.23 9.75
N MET B 190 3.17 25.97 8.57
CA MET B 190 4.18 24.92 8.47
C MET B 190 5.33 25.20 9.41
N ASN B 191 5.76 26.46 9.49
CA ASN B 191 6.91 26.81 10.31
C ASN B 191 6.60 26.74 11.80
N ALA B 192 5.32 26.72 12.19
CA ALA B 192 4.97 26.57 13.60
C ALA B 192 4.77 25.12 14.02
N LEU B 193 4.84 24.16 13.11
CA LEU B 193 4.74 22.77 13.54
C LEU B 193 5.89 22.44 14.50
N ASP B 194 5.56 21.78 15.62
CA ASP B 194 6.61 21.41 16.58
C ASP B 194 7.35 20.20 16.04
N LEU B 195 8.37 20.46 15.22
CA LEU B 195 9.15 19.42 14.58
C LEU B 195 10.60 19.58 15.01
N ASN B 196 11.26 18.46 15.32
CA ASN B 196 12.68 18.53 15.62
C ASN B 196 13.48 18.63 14.33
N MET B 197 14.76 19.00 14.46
CA MET B 197 15.57 19.26 13.27
C MET B 197 15.83 17.99 12.47
N LYS B 198 15.75 16.82 13.10
CA LYS B 198 15.90 15.60 12.32
C LYS B 198 14.69 15.37 11.43
N THR B 199 13.49 15.60 11.96
CA THR B 199 12.28 15.51 11.15
C THR B 199 12.30 16.55 10.04
N LYS B 200 12.72 17.77 10.34
CA LYS B 200 12.76 18.78 9.29
C LYS B 200 13.71 18.36 8.19
N GLU B 201 14.83 17.72 8.53
CA GLU B 201 15.74 17.27 7.50
C GLU B 201 15.13 16.13 6.70
N ARG B 202 14.35 15.26 7.35
CA ARG B 202 13.67 14.20 6.62
C ARG B 202 12.62 14.77 5.68
N ILE B 203 12.00 15.90 6.06
CA ILE B 203 11.03 16.56 5.20
C ILE B 203 11.71 17.14 3.98
N VAL B 204 12.87 17.80 4.16
CA VAL B 204 13.63 18.32 3.02
C VAL B 204 14.07 17.17 2.11
N GLU B 205 14.48 16.05 2.71
CA GLU B 205 14.86 14.89 1.90
C GLU B 205 13.67 14.35 1.11
N GLU B 206 12.48 14.30 1.72
CA GLU B 206 11.29 13.82 1.00
C GLU B 206 10.87 14.79 -0.10
N ALA B 207 11.02 16.10 0.12
CA ALA B 207 10.71 17.06 -0.94
C ALA B 207 11.62 16.86 -2.12
N ASN B 208 12.90 16.60 -1.88
CA ASN B 208 13.81 16.29 -2.98
C ASN B 208 13.36 15.05 -3.71
N LYS B 209 12.89 14.04 -2.97
CA LYS B 209 12.35 12.84 -3.61
C LYS B 209 11.16 13.18 -4.49
N ALA B 210 10.28 14.07 -4.01
CA ALA B 210 9.13 14.49 -4.81
C ALA B 210 9.58 15.15 -6.11
N PHE B 211 10.61 16.01 -6.04
CA PHE B 211 11.06 16.65 -7.27
C PHE B 211 11.62 15.62 -8.25
N GLU B 212 12.32 14.63 -7.74
CA GLU B 212 12.80 13.55 -8.61
C GLU B 212 11.64 12.81 -9.27
N TYR B 213 10.55 12.57 -8.53
CA TYR B 213 9.37 11.96 -9.12
C TYR B 213 8.77 12.85 -10.21
N ASN B 214 8.71 14.16 -9.94
CA ASN B 214 8.22 15.11 -10.94
C ASN B 214 9.06 15.03 -12.20
N MET B 215 10.38 14.98 -12.05
CA MET B 215 11.25 14.91 -13.23
C MET B 215 11.02 13.62 -14.02
N GLN B 216 10.88 12.49 -13.32
CA GLN B 216 10.61 11.23 -14.00
C GLN B 216 9.28 11.28 -14.74
N ILE B 217 8.25 11.91 -14.16
CA ILE B 217 6.98 12.03 -14.87
C ILE B 217 7.13 12.92 -16.09
N PHE B 218 7.81 14.07 -15.94
CA PHE B 218 8.09 14.93 -17.11
C PHE B 218 8.85 14.18 -18.19
N ASN B 219 9.86 13.40 -17.81
CA ASN B 219 10.61 12.69 -18.84
C ASN B 219 9.76 11.61 -19.50
N GLU B 220 8.90 10.94 -18.73
CA GLU B 220 8.03 9.94 -19.34
C GLU B 220 7.01 10.60 -20.27
N LEU B 221 6.53 11.80 -19.92
CA LEU B 221 5.66 12.54 -20.82
C LEU B 221 6.40 12.87 -22.11
N ASP B 222 7.64 13.33 -22.01
CA ASP B 222 8.38 13.75 -23.20
C ASP B 222 8.58 12.57 -24.15
N GLN B 223 8.72 11.37 -23.62
CA GLN B 223 8.92 10.18 -24.41
C GLN B 223 7.63 9.58 -24.98
N ALA B 224 6.46 10.06 -24.59
CA ALA B 224 5.23 9.60 -25.26
C ALA B 224 5.01 10.40 -26.54
N ALA C 15 19.19 -1.40 -27.80
CA ALA C 15 20.64 -1.23 -27.77
C ALA C 15 21.24 -2.15 -26.71
N ASP C 16 22.56 -2.08 -26.54
CA ASP C 16 23.21 -2.92 -25.55
C ASP C 16 22.92 -2.42 -24.13
N LEU C 17 22.76 -3.36 -23.21
CA LEU C 17 22.45 -3.02 -21.82
C LEU C 17 23.53 -2.14 -21.22
N SER C 18 24.81 -2.44 -21.49
CA SER C 18 25.88 -1.60 -20.97
C SER C 18 25.72 -0.15 -21.42
N GLU C 19 25.28 0.06 -22.67
CA GLU C 19 25.10 1.41 -23.19
C GLU C 19 23.86 2.09 -22.59
N LEU C 20 22.77 1.34 -22.40
CA LEU C 20 21.60 1.90 -21.73
C LEU C 20 21.95 2.31 -20.30
N LEU C 21 22.77 1.49 -19.62
CA LEU C 21 23.17 1.83 -18.25
C LEU C 21 24.08 3.04 -18.23
N LYS C 22 25.00 3.13 -19.18
CA LYS C 22 25.92 4.25 -19.22
C LYS C 22 25.18 5.58 -19.39
N GLU C 23 24.15 5.58 -20.24
CA GLU C 23 23.43 6.83 -20.52
C GLU C 23 22.37 7.12 -19.47
N GLY C 24 21.63 6.10 -19.04
CA GLY C 24 20.55 6.32 -18.08
C GLY C 24 20.97 6.54 -16.64
N THR C 25 22.22 6.26 -16.29
CA THR C 25 22.67 6.46 -14.92
C THR C 25 23.69 7.57 -14.78
N LYS C 26 24.05 8.26 -15.87
CA LYS C 26 25.15 9.21 -15.79
C LYS C 26 24.85 10.32 -14.79
N GLU C 27 23.63 10.85 -14.80
CA GLU C 27 23.29 11.95 -13.91
C GLU C 27 23.34 11.53 -12.45
N ALA C 28 22.64 10.44 -12.10
CA ALA C 28 22.73 9.92 -10.74
C ALA C 28 24.18 9.61 -10.37
N HIS C 29 24.96 9.16 -11.34
CA HIS C 29 26.37 8.87 -11.10
C HIS C 29 27.14 10.14 -10.73
N ASP C 30 26.95 11.22 -11.50
CA ASP C 30 27.65 12.47 -11.22
C ASP C 30 27.21 13.10 -9.91
N ARG C 31 25.95 12.91 -9.51
CA ARG C 31 25.50 13.40 -8.21
C ARG C 31 26.18 12.64 -7.07
N ALA C 32 26.37 11.33 -7.24
CA ALA C 32 27.03 10.55 -6.20
C ALA C 32 28.44 11.05 -5.96
N GLU C 33 29.21 11.28 -7.04
CA GLU C 33 30.58 11.76 -6.89
C GLU C 33 30.64 13.18 -6.34
N ASN C 34 29.56 13.94 -6.48
CA ASN C 34 29.46 15.30 -6.00
C ASN C 34 28.99 15.39 -4.55
N THR C 35 28.97 14.28 -3.82
CA THR C 35 28.58 14.37 -2.42
C THR C 35 29.77 14.88 -1.59
N GLN C 36 29.45 15.45 -0.43
CA GLN C 36 30.49 15.94 0.46
C GLN C 36 31.43 14.82 0.88
N PHE C 37 30.88 13.66 1.23
CA PHE C 37 31.73 12.54 1.66
C PHE C 37 32.75 12.18 0.58
N VAL C 38 32.30 12.06 -0.67
CA VAL C 38 33.20 11.67 -1.75
C VAL C 38 34.26 12.75 -1.99
N LYS C 39 33.83 14.02 -2.03
CA LYS C 39 34.79 15.12 -2.20
C LYS C 39 35.83 15.11 -1.09
N ASP C 40 35.38 14.94 0.17
CA ASP C 40 36.30 14.91 1.29
C ASP C 40 37.23 13.71 1.20
N PHE C 41 36.67 12.54 0.88
CA PHE C 41 37.50 11.35 0.72
C PHE C 41 38.63 11.60 -0.25
N LEU C 42 38.31 12.04 -1.46
CA LEU C 42 39.32 12.13 -2.51
C LEU C 42 40.44 13.11 -2.14
N LYS C 43 40.17 14.08 -1.27
CA LYS C 43 41.18 15.04 -0.81
C LYS C 43 41.93 14.57 0.43
N GLY C 44 41.75 13.32 0.84
CA GLY C 44 42.36 12.84 2.08
C GLY C 44 41.78 13.43 3.34
N ASN C 45 40.56 13.95 3.30
CA ASN C 45 39.93 14.51 4.50
C ASN C 45 38.96 13.52 5.14
N ILE C 46 39.34 12.29 5.41
CA ILE C 46 38.46 11.41 6.17
C ILE C 46 39.25 10.87 7.34
N LYS C 47 38.67 10.94 8.53
CA LYS C 47 39.34 10.46 9.73
C LYS C 47 39.03 8.98 9.96
N LYS C 48 39.78 8.39 10.90
CA LYS C 48 39.74 6.94 11.11
C LYS C 48 38.35 6.45 11.50
N GLU C 49 37.70 7.15 12.45
CA GLU C 49 36.40 6.67 12.89
C GLU C 49 35.40 6.70 11.75
N LEU C 50 35.40 7.77 10.95
CA LEU C 50 34.43 7.86 9.86
C LEU C 50 34.73 6.81 8.79
N PHE C 51 36.02 6.56 8.52
CA PHE C 51 36.38 5.51 7.57
C PHE C 51 35.92 4.13 8.07
N LYS C 52 36.04 3.86 9.38
CA LYS C 52 35.55 2.61 9.94
C LYS C 52 34.04 2.49 9.73
N LEU C 53 33.32 3.60 9.85
CA LEU C 53 31.88 3.56 9.62
C LEU C 53 31.57 3.30 8.15
N ALA C 54 32.33 3.91 7.25
CA ALA C 54 32.12 3.67 5.82
C ALA C 54 32.39 2.21 5.48
N THR C 55 33.49 1.67 6.01
CA THR C 55 33.85 0.26 5.83
C THR C 55 32.80 -0.65 6.41
N THR C 56 32.18 -0.25 7.51
CA THR C 56 31.07 -1.01 8.06
C THR C 56 29.92 -1.11 7.08
N ALA C 57 29.54 0.03 6.47
CA ALA C 57 28.47 0.00 5.49
C ALA C 57 28.83 -0.89 4.30
N LEU C 58 30.10 -0.85 3.85
CA LEU C 58 30.51 -1.73 2.77
C LEU C 58 30.38 -3.19 3.18
N TYR C 59 30.85 -3.52 4.40
CA TYR C 59 30.74 -4.92 4.84
C TYR C 59 29.33 -5.46 4.70
N PHE C 60 28.33 -4.75 5.27
CA PHE C 60 26.97 -5.28 5.22
C PHE C 60 26.39 -5.27 3.81
N THR C 61 26.72 -4.25 3.02
CA THR C 61 26.27 -4.19 1.63
C THR C 61 26.76 -5.39 0.82
N TYR C 62 28.08 -5.61 0.81
CA TYR C 62 28.63 -6.66 -0.04
C TYR C 62 28.31 -8.04 0.51
N SER C 63 28.22 -8.18 1.83
CA SER C 63 27.73 -9.44 2.40
C SER C 63 26.37 -9.82 1.80
N ALA C 64 25.44 -8.86 1.77
CA ALA C 64 24.11 -9.14 1.24
C ALA C 64 24.18 -9.39 -0.26
N LEU C 65 24.90 -8.53 -1.00
CA LEU C 65 25.00 -8.69 -2.43
C LEU C 65 25.58 -10.06 -2.79
N GLU C 66 26.58 -10.51 -2.05
CA GLU C 66 27.22 -11.77 -2.45
C GLU C 66 26.39 -12.97 -2.01
N GLU C 67 25.63 -12.84 -0.92
CA GLU C 67 24.68 -13.88 -0.58
C GLU C 67 23.67 -14.07 -1.71
N GLU C 68 23.14 -12.97 -2.25
CA GLU C 68 22.12 -13.10 -3.29
C GLU C 68 22.71 -13.60 -4.61
N MET C 69 23.93 -13.18 -4.94
CA MET C 69 24.54 -13.67 -6.18
C MET C 69 24.76 -15.17 -6.09
N GLU C 70 25.23 -15.65 -4.95
CA GLU C 70 25.40 -17.09 -4.79
C GLU C 70 24.05 -17.80 -4.88
N ARG C 71 22.98 -17.19 -4.34
CA ARG C 71 21.66 -17.80 -4.43
C ARG C 71 21.18 -17.89 -5.88
N ASN C 72 21.53 -16.91 -6.72
CA ASN C 72 21.13 -16.90 -8.11
C ASN C 72 22.24 -17.36 -9.05
N LYS C 73 23.24 -18.07 -8.54
CA LYS C 73 24.43 -18.38 -9.32
C LYS C 73 24.14 -19.25 -10.54
N ASP C 74 23.02 -19.98 -10.54
CA ASP C 74 22.59 -20.76 -11.68
C ASP C 74 21.44 -20.12 -12.45
N HIS C 75 20.93 -18.97 -11.99
CA HIS C 75 19.81 -18.37 -12.68
C HIS C 75 20.22 -17.90 -14.08
N PRO C 76 19.40 -18.17 -15.10
CA PRO C 76 19.83 -17.85 -16.48
C PRO C 76 19.98 -16.36 -16.72
N ALA C 77 19.27 -15.52 -15.99
CA ALA C 77 19.47 -14.08 -16.15
C ALA C 77 20.64 -13.57 -15.36
N PHE C 78 21.40 -14.43 -14.66
CA PHE C 78 22.55 -13.95 -13.89
C PHE C 78 23.80 -14.80 -13.99
N ALA C 79 23.68 -16.12 -14.19
CA ALA C 79 24.79 -17.04 -14.04
C ALA C 79 26.08 -16.65 -14.77
N PRO C 80 26.05 -16.14 -16.00
CA PRO C 80 27.33 -15.78 -16.66
C PRO C 80 28.11 -14.71 -15.90
N LEU C 81 27.46 -13.95 -15.03
CA LEU C 81 28.09 -12.87 -14.29
C LEU C 81 28.51 -13.27 -12.89
N TYR C 82 28.45 -14.56 -12.56
CA TYR C 82 28.82 -15.05 -11.23
C TYR C 82 30.33 -15.25 -11.18
N PHE C 83 31.01 -14.43 -10.39
CA PHE C 83 32.48 -14.40 -10.36
C PHE C 83 32.98 -14.36 -8.91
N PRO C 84 32.74 -15.42 -8.15
CA PRO C 84 33.13 -15.36 -6.72
C PRO C 84 34.62 -15.19 -6.51
N MET C 85 35.46 -15.86 -7.32
CA MET C 85 36.91 -15.73 -7.12
C MET C 85 37.43 -14.36 -7.55
N GLU C 86 36.90 -13.82 -8.65
CA GLU C 86 37.42 -12.57 -9.20
C GLU C 86 36.91 -11.35 -8.45
N LEU C 87 35.62 -11.33 -8.09
CA LEU C 87 34.97 -10.09 -7.68
C LEU C 87 34.61 -10.00 -6.20
N HIS C 88 34.24 -11.10 -5.55
CA HIS C 88 33.62 -11.02 -4.23
C HIS C 88 34.55 -10.37 -3.20
N ARG C 89 33.95 -9.49 -2.39
CA ARG C 89 34.63 -8.59 -1.47
C ARG C 89 34.46 -8.93 0.00
N LYS C 90 33.55 -9.85 0.35
CA LYS C 90 33.22 -10.05 1.76
C LYS C 90 34.44 -10.49 2.56
N GLU C 91 35.25 -11.37 1.99
CA GLU C 91 36.47 -11.82 2.66
C GLU C 91 37.44 -10.67 2.89
N ALA C 92 37.66 -9.83 1.87
CA ALA C 92 38.54 -8.69 2.03
C ALA C 92 38.02 -7.73 3.11
N LEU C 93 36.73 -7.40 3.05
CA LEU C 93 36.17 -6.49 4.03
C LEU C 93 36.26 -7.05 5.43
N THR C 94 36.06 -8.37 5.58
CA THR C 94 36.22 -8.96 6.89
C THR C 94 37.63 -8.73 7.43
N LYS C 95 38.64 -8.86 6.56
CA LYS C 95 40.00 -8.53 6.99
C LYS C 95 40.12 -7.07 7.37
N ASP C 96 39.54 -6.19 6.55
CA ASP C 96 39.58 -4.76 6.88
C ASP C 96 38.87 -4.48 8.19
N MET C 97 37.71 -5.12 8.42
CA MET C 97 36.99 -4.92 9.68
C MET C 97 37.84 -5.41 10.85
N GLU C 98 38.43 -6.61 10.72
CA GLU C 98 39.30 -7.13 11.77
C GLU C 98 40.47 -6.21 12.04
N TYR C 99 41.00 -5.56 11.00
CA TYR C 99 42.16 -4.70 11.17
C TYR C 99 41.80 -3.45 11.95
N PHE C 100 40.67 -2.83 11.64
CA PHE C 100 40.32 -1.56 12.27
C PHE C 100 39.71 -1.76 13.65
N PHE C 101 38.94 -2.84 13.84
CA PHE C 101 38.22 -3.04 15.09
C PHE C 101 38.82 -4.13 15.98
N GLY C 102 39.64 -5.03 15.44
CA GLY C 102 40.04 -6.20 16.21
C GLY C 102 39.07 -7.36 16.03
N GLU C 103 39.35 -8.46 16.76
CA GLU C 103 38.66 -9.71 16.47
C GLU C 103 37.21 -9.71 16.94
N ASN C 104 36.87 -8.85 17.89
CA ASN C 104 35.51 -8.72 18.39
C ASN C 104 34.67 -7.75 17.56
N TRP C 105 35.06 -7.52 16.30
CA TRP C 105 34.50 -6.41 15.53
C TRP C 105 32.98 -6.51 15.37
N GLU C 106 32.43 -7.72 15.28
CA GLU C 106 30.99 -7.83 15.03
C GLU C 106 30.17 -7.26 16.19
N GLU C 107 30.71 -7.29 17.40
CA GLU C 107 30.01 -6.73 18.56
C GLU C 107 30.17 -5.22 18.69
N GLN C 108 31.04 -4.59 17.90
CA GLN C 108 31.28 -3.15 18.00
C GLN C 108 30.55 -2.34 16.93
N VAL C 109 29.85 -3.00 16.04
CA VAL C 109 29.42 -2.39 14.80
C VAL C 109 27.91 -2.37 14.77
N GLN C 110 27.37 -1.26 14.29
CA GLN C 110 25.95 -1.15 13.96
C GLN C 110 25.86 -0.87 12.47
N CYS C 111 24.98 -1.57 11.77
CA CYS C 111 24.81 -1.24 10.35
C CYS C 111 24.10 0.11 10.27
N PRO C 112 24.66 1.09 9.55
CA PRO C 112 23.97 2.37 9.37
C PRO C 112 22.59 2.20 8.75
N LYS C 113 21.70 3.14 9.07
CA LYS C 113 20.29 2.98 8.72
C LYS C 113 20.08 2.92 7.21
N ALA C 114 20.68 3.87 6.47
CA ALA C 114 20.51 3.85 5.01
C ALA C 114 21.07 2.57 4.40
N ALA C 115 22.21 2.09 4.89
CA ALA C 115 22.77 0.86 4.35
C ALA C 115 21.88 -0.34 4.68
N GLN C 116 21.22 -0.33 5.84
CA GLN C 116 20.30 -1.44 6.12
C GLN C 116 19.13 -1.45 5.14
N LYS C 117 18.60 -0.28 4.76
CA LYS C 117 17.57 -0.27 3.72
C LYS C 117 18.09 -0.78 2.40
N TYR C 118 19.32 -0.42 2.06
CA TYR C 118 19.90 -0.94 0.82
C TYR C 118 20.04 -2.46 0.89
N VAL C 119 20.53 -2.97 2.03
CA VAL C 119 20.66 -4.42 2.22
C VAL C 119 19.30 -5.11 2.05
N GLU C 120 18.24 -4.47 2.54
CA GLU C 120 16.91 -5.06 2.39
C GLU C 120 16.47 -5.10 0.93
N ARG C 121 16.74 -4.02 0.19
CA ARG C 121 16.42 -3.97 -1.24
C ARG C 121 17.16 -5.04 -2.02
N ILE C 122 18.43 -5.26 -1.70
CA ILE C 122 19.22 -6.30 -2.36
C ILE C 122 18.62 -7.67 -2.10
N HIS C 123 18.34 -7.97 -0.83
CA HIS C 123 17.71 -9.24 -0.50
C HIS C 123 16.36 -9.41 -1.19
N TYR C 124 15.57 -8.34 -1.26
CA TYR C 124 14.30 -8.45 -1.97
C TYR C 124 14.53 -8.77 -3.45
N ILE C 125 15.39 -8.01 -4.11
CA ILE C 125 15.67 -8.24 -5.52
C ILE C 125 16.15 -9.66 -5.72
N GLY C 126 17.13 -10.08 -4.92
CA GLY C 126 17.70 -11.40 -5.10
C GLY C 126 16.70 -12.53 -4.89
N GLN C 127 15.71 -12.30 -4.03
CA GLN C 127 14.74 -13.34 -3.73
C GLN C 127 13.49 -13.26 -4.57
N ASN C 128 13.26 -12.14 -5.25
CA ASN C 128 11.99 -11.92 -5.92
C ASN C 128 12.08 -11.38 -7.33
N GLU C 129 13.18 -10.72 -7.72
CA GLU C 129 13.33 -10.19 -9.07
C GLU C 129 14.80 -10.33 -9.48
N PRO C 130 15.30 -11.56 -9.56
CA PRO C 130 16.75 -11.76 -9.74
C PRO C 130 17.28 -11.27 -11.09
N GLU C 131 16.44 -11.15 -12.11
CA GLU C 131 16.92 -10.57 -13.37
C GLU C 131 17.34 -9.11 -13.20
N LEU C 132 17.05 -8.50 -12.06
CA LEU C 132 17.50 -7.14 -11.77
C LEU C 132 18.72 -7.12 -10.88
N LEU C 133 19.17 -8.29 -10.42
CA LEU C 133 20.36 -8.34 -9.57
C LEU C 133 21.56 -7.70 -10.27
N VAL C 134 21.64 -7.87 -11.59
CA VAL C 134 22.76 -7.30 -12.35
C VAL C 134 22.86 -5.80 -12.17
N ALA C 135 21.73 -5.11 -11.99
CA ALA C 135 21.80 -3.66 -11.81
C ALA C 135 22.64 -3.31 -10.60
N HIS C 136 22.57 -4.14 -9.56
CA HIS C 136 23.38 -3.90 -8.37
C HIS C 136 24.82 -4.38 -8.57
N ALA C 137 25.00 -5.57 -9.17
CA ALA C 137 26.35 -6.12 -9.32
C ALA C 137 27.18 -5.28 -10.27
N TYR C 138 26.59 -4.91 -11.42
CA TYR C 138 27.31 -4.13 -12.42
C TYR C 138 27.68 -2.75 -11.89
N THR C 139 26.72 -2.08 -11.25
CA THR C 139 27.00 -0.76 -10.70
C THR C 139 28.10 -0.81 -9.63
N ARG C 140 28.04 -1.78 -8.71
CA ARG C 140 29.07 -1.85 -7.67
C ARG C 140 30.43 -2.29 -8.23
N TYR C 141 30.49 -3.49 -8.81
CA TYR C 141 31.81 -4.10 -9.05
C TYR C 141 32.56 -3.40 -10.18
N MET C 142 31.85 -2.95 -11.21
CA MET C 142 32.52 -2.21 -12.28
C MET C 142 33.12 -0.92 -11.74
N GLY C 143 32.37 -0.21 -10.90
CA GLY C 143 32.93 0.98 -10.27
C GLY C 143 34.09 0.67 -9.34
N ASP C 144 34.01 -0.47 -8.63
CA ASP C 144 35.07 -0.86 -7.69
C ASP C 144 36.37 -1.15 -8.43
N LEU C 145 36.27 -1.93 -9.51
CA LEU C 145 37.44 -2.19 -10.35
C LEU C 145 38.03 -0.90 -10.89
N SER C 146 37.19 0.01 -11.37
CA SER C 146 37.68 1.24 -12.00
C SER C 146 38.32 2.18 -11.00
N GLY C 147 37.85 2.20 -9.75
CA GLY C 147 38.36 3.18 -8.82
C GLY C 147 39.31 2.67 -7.75
N GLY C 148 39.45 1.34 -7.61
CA GLY C 148 40.15 0.79 -6.46
C GLY C 148 41.56 1.33 -6.27
N GLN C 149 42.31 1.49 -7.37
CA GLN C 149 43.70 1.96 -7.24
C GLN C 149 43.76 3.37 -6.62
N VAL C 150 42.98 4.31 -7.15
CA VAL C 150 43.04 5.69 -6.67
C VAL C 150 42.56 5.78 -5.22
N LEU C 151 41.43 5.14 -4.91
CA LEU C 151 40.90 5.20 -3.55
C LEU C 151 41.82 4.54 -2.55
N LYS C 152 42.44 3.42 -2.92
CA LYS C 152 43.31 2.72 -1.97
C LYS C 152 44.48 3.60 -1.57
N LYS C 153 45.08 4.29 -2.54
CA LYS C 153 46.23 5.14 -2.23
C LYS C 153 45.83 6.32 -1.39
N VAL C 154 44.72 6.98 -1.74
CA VAL C 154 44.21 8.09 -0.93
C VAL C 154 44.07 7.66 0.53
N ALA C 155 43.38 6.54 0.77
CA ALA C 155 43.10 6.12 2.13
C ALA C 155 44.38 5.77 2.88
N GLN C 156 45.30 5.05 2.22
CA GLN C 156 46.56 4.70 2.87
C GLN C 156 47.32 5.94 3.31
N ARG C 157 47.37 6.95 2.44
CA ARG C 157 48.10 8.16 2.78
C ARG C 157 47.35 8.98 3.83
N ALA C 158 46.03 9.14 3.65
CA ALA C 158 45.25 9.95 4.60
C ALA C 158 45.25 9.35 5.99
N LEU C 159 45.33 8.03 6.12
CA LEU C 159 45.18 7.41 7.43
C LEU C 159 46.45 6.74 7.90
N LYS C 160 47.56 6.94 7.20
CA LYS C 160 48.85 6.32 7.52
C LYS C 160 48.70 4.81 7.67
N LEU C 161 48.10 4.18 6.61
CA LEU C 161 47.86 2.74 6.62
C LEU C 161 49.05 2.01 6.01
N PRO C 162 49.30 0.79 6.47
CA PRO C 162 50.52 0.08 6.05
C PRO C 162 50.60 -0.08 4.54
N SER C 163 51.82 0.02 4.03
CA SER C 163 52.07 -0.26 2.62
C SER C 163 51.78 -1.70 2.25
N THR C 164 51.76 -2.61 3.23
CA THR C 164 51.42 -4.00 2.94
C THR C 164 49.94 -4.19 2.63
N GLY C 165 49.09 -3.20 2.89
CA GLY C 165 47.71 -3.23 2.43
C GLY C 165 46.66 -3.45 3.48
N GLU C 166 47.04 -3.68 4.73
CA GLU C 166 46.04 -3.89 5.78
C GLU C 166 45.12 -2.68 5.87
N GLY C 167 43.83 -2.93 6.01
CA GLY C 167 42.84 -1.87 6.05
C GLY C 167 42.26 -1.43 4.71
N THR C 168 42.92 -1.78 3.59
CA THR C 168 42.41 -1.38 2.28
C THR C 168 42.25 -2.57 1.34
N GLN C 169 42.18 -3.79 1.86
CA GLN C 169 42.08 -4.94 0.95
C GLN C 169 40.80 -4.96 0.14
N PHE C 170 39.75 -4.27 0.59
CA PHE C 170 38.55 -4.10 -0.22
C PHE C 170 38.86 -3.52 -1.60
N TYR C 171 39.81 -2.61 -1.68
CA TYR C 171 40.09 -1.86 -2.89
C TYR C 171 41.06 -2.60 -3.83
N LEU C 172 41.45 -3.81 -3.47
CA LEU C 172 42.45 -4.59 -4.20
C LEU C 172 41.82 -5.89 -4.69
N PHE C 173 41.80 -6.10 -5.99
CA PHE C 173 41.24 -7.32 -6.58
C PHE C 173 42.42 -8.23 -6.92
N GLU C 174 42.84 -9.03 -5.93
CA GLU C 174 43.99 -9.92 -6.09
C GLU C 174 43.85 -10.86 -7.28
N ASN C 175 42.62 -11.21 -7.66
CA ASN C 175 42.40 -12.23 -8.67
C ASN C 175 41.93 -11.66 -10.00
N VAL C 176 42.10 -10.37 -10.22
CA VAL C 176 41.83 -9.74 -11.51
C VAL C 176 43.15 -9.21 -12.02
N ASP C 177 43.69 -9.85 -13.07
CA ASP C 177 45.01 -9.47 -13.57
C ASP C 177 44.97 -8.11 -14.26
N ASN C 178 43.90 -7.83 -14.99
CA ASN C 178 43.79 -6.61 -15.76
C ASN C 178 42.36 -6.09 -15.64
N ALA C 179 42.19 -4.99 -14.91
CA ALA C 179 40.85 -4.50 -14.58
C ALA C 179 40.08 -4.14 -15.84
N GLN C 180 40.74 -3.45 -16.78
CA GLN C 180 40.06 -3.03 -17.99
C GLN C 180 39.64 -4.22 -18.84
N GLN C 181 40.46 -5.26 -18.90
CA GLN C 181 40.09 -6.42 -19.71
C GLN C 181 38.93 -7.17 -19.07
N PHE C 182 38.95 -7.29 -17.75
CA PHE C 182 37.83 -7.96 -17.10
C PHE C 182 36.54 -7.17 -17.29
N LYS C 183 36.63 -5.84 -17.27
CA LYS C 183 35.42 -5.03 -17.41
C LYS C 183 34.81 -5.22 -18.80
N GLN C 184 35.65 -5.28 -19.84
CA GLN C 184 35.11 -5.59 -21.17
C GLN C 184 34.50 -6.99 -21.22
N LEU C 185 35.09 -7.96 -20.53
CA LEU C 185 34.52 -9.30 -20.54
C LEU C 185 33.18 -9.32 -19.81
N TYR C 186 33.11 -8.67 -18.65
CA TYR C 186 31.86 -8.59 -17.90
C TYR C 186 30.77 -7.93 -18.74
N ARG C 187 31.07 -6.77 -19.34
CA ARG C 187 30.11 -6.09 -20.21
C ARG C 187 29.66 -6.96 -21.36
N ALA C 188 30.60 -7.63 -22.04
CA ALA C 188 30.24 -8.51 -23.16
C ALA C 188 29.26 -9.60 -22.71
N ARG C 189 29.53 -10.22 -21.56
CA ARG C 189 28.61 -11.23 -21.03
C ARG C 189 27.25 -10.61 -20.68
N MET C 190 27.26 -9.44 -20.04
CA MET C 190 26.00 -8.79 -19.68
C MET C 190 25.19 -8.44 -20.93
N ASN C 191 25.84 -7.92 -21.97
CA ASN C 191 25.11 -7.57 -23.19
C ASN C 191 24.60 -8.78 -23.93
N ALA C 192 25.19 -9.95 -23.69
CA ALA C 192 24.72 -11.16 -24.37
C ALA C 192 23.57 -11.81 -23.64
N LEU C 193 23.24 -11.38 -22.42
CA LEU C 193 22.06 -11.93 -21.75
C LEU C 193 20.83 -11.71 -22.62
N ASP C 194 20.00 -12.75 -22.73
CA ASP C 194 18.79 -12.64 -23.56
C ASP C 194 17.71 -11.93 -22.72
N LEU C 195 17.61 -10.61 -22.92
CA LEU C 195 16.70 -9.76 -22.15
C LEU C 195 15.90 -8.89 -23.11
N ASN C 196 14.58 -8.83 -22.91
CA ASN C 196 13.77 -7.95 -23.74
C ASN C 196 13.92 -6.49 -23.27
N MET C 197 13.49 -5.56 -24.13
CA MET C 197 13.75 -4.16 -23.87
C MET C 197 13.04 -3.68 -22.60
N LYS C 198 11.92 -4.31 -22.23
CA LYS C 198 11.23 -3.86 -21.02
C LYS C 198 12.02 -4.25 -19.77
N THR C 199 12.66 -5.43 -19.78
CA THR C 199 13.51 -5.81 -18.66
C THR C 199 14.76 -4.93 -18.60
N LYS C 200 15.40 -4.67 -19.74
CA LYS C 200 16.55 -3.78 -19.74
C LYS C 200 16.21 -2.43 -19.10
N GLU C 201 15.04 -1.88 -19.43
CA GLU C 201 14.69 -0.58 -18.86
C GLU C 201 14.45 -0.68 -17.35
N ARG C 202 13.86 -1.79 -16.89
CA ARG C 202 13.76 -2.04 -15.46
C ARG C 202 15.13 -2.11 -14.82
N ILE C 203 16.09 -2.74 -15.50
CA ILE C 203 17.45 -2.83 -14.97
C ILE C 203 18.05 -1.44 -14.83
N VAL C 204 17.79 -0.57 -15.80
CA VAL C 204 18.32 0.79 -15.70
C VAL C 204 17.66 1.53 -14.54
N GLU C 205 16.35 1.35 -14.40
CA GLU C 205 15.64 1.96 -13.28
C GLU C 205 16.22 1.49 -11.96
N GLU C 206 16.58 0.21 -11.85
CA GLU C 206 17.09 -0.31 -10.58
C GLU C 206 18.49 0.21 -10.28
N ALA C 207 19.31 0.41 -11.31
CA ALA C 207 20.64 1.00 -11.11
C ALA C 207 20.53 2.44 -10.62
N ASN C 208 19.58 3.21 -11.17
CA ASN C 208 19.34 4.54 -10.65
C ASN C 208 18.81 4.49 -9.22
N LYS C 209 18.01 3.47 -8.90
CA LYS C 209 17.55 3.29 -7.52
C LYS C 209 18.72 2.91 -6.62
N ALA C 210 19.68 2.14 -7.12
CA ALA C 210 20.87 1.85 -6.35
C ALA C 210 21.66 3.13 -6.06
N PHE C 211 21.79 4.00 -7.07
CA PHE C 211 22.53 5.24 -6.87
C PHE C 211 21.86 6.13 -5.84
N GLU C 212 20.54 6.08 -5.70
CA GLU C 212 19.94 6.93 -4.68
C GLU C 212 20.11 6.34 -3.28
N TYR C 213 20.16 5.01 -3.12
CA TYR C 213 20.61 4.44 -1.84
C TYR C 213 22.06 4.82 -1.58
N ASN C 214 22.88 4.79 -2.62
CA ASN C 214 24.26 5.23 -2.53
C ASN C 214 24.34 6.65 -1.99
N MET C 215 23.50 7.55 -2.51
CA MET C 215 23.42 8.93 -2.04
C MET C 215 23.07 9.03 -0.55
N GLN C 216 22.12 8.22 -0.11
CA GLN C 216 21.67 8.28 1.28
C GLN C 216 22.74 7.77 2.22
N ILE C 217 23.46 6.73 1.81
CA ILE C 217 24.56 6.25 2.64
C ILE C 217 25.62 7.33 2.78
N PHE C 218 25.96 7.99 1.66
CA PHE C 218 26.95 9.06 1.71
C PHE C 218 26.50 10.21 2.60
N ASN C 219 25.23 10.59 2.51
CA ASN C 219 24.77 11.71 3.33
C ASN C 219 24.75 11.33 4.80
N GLU C 220 24.31 10.11 5.11
CA GLU C 220 24.34 9.63 6.49
C GLU C 220 25.77 9.57 7.02
N LEU C 221 26.75 9.26 6.16
CA LEU C 221 28.15 9.28 6.60
C LEU C 221 28.62 10.71 6.87
N ASP C 222 28.26 11.65 6.00
CA ASP C 222 28.63 13.05 6.23
C ASP C 222 27.97 13.59 7.49
N GLN C 223 26.81 13.06 7.86
CA GLN C 223 26.09 13.47 9.05
C GLN C 223 26.69 12.91 10.35
N ALA C 224 27.39 11.79 10.29
CA ALA C 224 28.03 11.21 11.47
C ALA C 224 29.11 12.13 12.02
N ALA D 15 -3.35 -10.81 -15.23
CA ALA D 15 -2.11 -11.53 -15.43
C ALA D 15 -2.07 -12.73 -14.46
N ASP D 16 -0.88 -13.11 -14.01
CA ASP D 16 -0.76 -14.16 -13.00
C ASP D 16 -1.38 -13.68 -11.69
N LEU D 17 -2.08 -14.57 -11.01
CA LEU D 17 -2.67 -14.21 -9.72
C LEU D 17 -1.61 -13.72 -8.75
N SER D 18 -0.41 -14.34 -8.76
CA SER D 18 0.64 -13.90 -7.84
C SER D 18 1.12 -12.49 -8.16
N GLU D 19 1.07 -12.09 -9.43
CA GLU D 19 1.45 -10.72 -9.80
C GLU D 19 0.36 -9.74 -9.40
N LEU D 20 -0.90 -10.12 -9.57
CA LEU D 20 -1.99 -9.27 -9.11
C LEU D 20 -1.88 -9.02 -7.61
N LEU D 21 -1.54 -10.07 -6.86
CA LEU D 21 -1.35 -9.92 -5.42
C LEU D 21 -0.14 -9.02 -5.13
N LYS D 22 0.97 -9.26 -5.81
CA LYS D 22 2.18 -8.47 -5.55
C LYS D 22 1.89 -6.98 -5.73
N GLU D 23 1.24 -6.62 -6.84
CA GLU D 23 0.97 -5.22 -7.13
C GLU D 23 -0.18 -4.67 -6.31
N GLY D 24 -1.15 -5.52 -5.98
CA GLY D 24 -2.38 -5.05 -5.39
C GLY D 24 -2.43 -4.99 -3.88
N THR D 25 -1.43 -5.51 -3.17
CA THR D 25 -1.48 -5.53 -1.71
C THR D 25 -0.39 -4.69 -1.06
N LYS D 26 0.35 -3.87 -1.82
CA LYS D 26 1.45 -3.10 -1.23
C LYS D 26 1.00 -2.27 -0.05
N GLU D 27 -0.07 -1.47 -0.21
CA GLU D 27 -0.43 -0.52 0.82
C GLU D 27 -0.76 -1.22 2.14
N ALA D 28 -1.65 -2.22 2.07
CA ALA D 28 -2.04 -2.92 3.28
C ALA D 28 -0.84 -3.64 3.90
N HIS D 29 -0.01 -4.26 3.06
CA HIS D 29 1.18 -4.94 3.56
C HIS D 29 2.11 -3.96 4.25
N ASP D 30 2.33 -2.79 3.64
CA ASP D 30 3.22 -1.81 4.24
C ASP D 30 2.68 -1.32 5.56
N ARG D 31 1.36 -1.15 5.65
CA ARG D 31 0.76 -0.62 6.87
C ARG D 31 0.96 -1.60 8.02
N ALA D 32 0.89 -2.90 7.74
CA ALA D 32 1.11 -3.87 8.81
C ALA D 32 2.57 -3.89 9.22
N GLU D 33 3.48 -3.87 8.23
CA GLU D 33 4.91 -3.97 8.50
C GLU D 33 5.40 -2.75 9.27
N ASN D 34 4.64 -1.65 9.25
CA ASN D 34 5.10 -0.39 9.81
C ASN D 34 4.39 -0.03 11.10
N THR D 35 3.64 -0.97 11.68
CA THR D 35 3.07 -0.76 12.98
C THR D 35 4.17 -0.71 14.05
N GLN D 36 3.85 -0.03 15.14
CA GLN D 36 4.84 0.12 16.21
C GLN D 36 5.27 -1.22 16.75
N PHE D 37 4.34 -2.18 16.82
CA PHE D 37 4.68 -3.51 17.31
C PHE D 37 5.79 -4.12 16.45
N VAL D 38 5.65 -4.06 15.13
CA VAL D 38 6.63 -4.67 14.25
C VAL D 38 7.96 -3.92 14.34
N LYS D 39 7.93 -2.59 14.36
CA LYS D 39 9.16 -1.82 14.46
C LYS D 39 9.89 -2.14 15.76
N ASP D 40 9.17 -2.11 16.90
CA ASP D 40 9.77 -2.50 18.16
C ASP D 40 10.31 -3.92 18.12
N PHE D 41 9.51 -4.87 17.61
CA PHE D 41 9.98 -6.25 17.56
C PHE D 41 11.32 -6.36 16.85
N LEU D 42 11.43 -5.78 15.66
CA LEU D 42 12.66 -5.89 14.89
C LEU D 42 13.84 -5.25 15.62
N LYS D 43 13.58 -4.25 16.48
CA LYS D 43 14.67 -3.61 17.22
C LYS D 43 15.06 -4.39 18.47
N GLY D 44 14.39 -5.52 18.74
CA GLY D 44 14.65 -6.29 19.92
C GLY D 44 13.90 -5.81 21.14
N ASN D 45 12.95 -4.91 20.96
CA ASN D 45 12.12 -4.41 22.06
C ASN D 45 10.85 -5.25 22.10
N ILE D 46 10.99 -6.45 22.64
CA ILE D 46 9.85 -7.34 22.85
C ILE D 46 10.04 -7.97 24.21
N LYS D 47 9.06 -7.80 25.08
CA LYS D 47 9.13 -8.43 26.39
C LYS D 47 8.30 -9.71 26.40
N LYS D 48 8.58 -10.56 27.40
CA LYS D 48 8.03 -11.92 27.39
C LYS D 48 6.51 -11.93 27.40
N GLU D 49 5.87 -11.12 28.25
CA GLU D 49 4.42 -11.20 28.32
C GLU D 49 3.78 -10.80 26.98
N LEU D 50 4.32 -9.76 26.32
CA LEU D 50 3.70 -9.38 25.04
C LEU D 50 4.01 -10.41 23.97
N PHE D 51 5.20 -11.02 23.99
CA PHE D 51 5.49 -12.10 23.05
C PHE D 51 4.55 -13.28 23.27
N LYS D 52 4.28 -13.60 24.54
CA LYS D 52 3.31 -14.66 24.83
C LYS D 52 1.94 -14.32 24.28
N LEU D 53 1.54 -13.05 24.34
CA LEU D 53 0.26 -12.64 23.78
C LEU D 53 0.27 -12.71 22.27
N ALA D 54 1.39 -12.31 21.65
CA ALA D 54 1.50 -12.41 20.20
C ALA D 54 1.44 -13.87 19.74
N THR D 55 2.13 -14.77 20.47
CA THR D 55 2.12 -16.18 20.13
C THR D 55 0.72 -16.78 20.29
N THR D 56 -0.01 -16.33 21.32
CA THR D 56 -1.40 -16.74 21.50
C THR D 56 -2.20 -16.38 20.26
N ALA D 57 -2.05 -15.15 19.78
CA ALA D 57 -2.77 -14.72 18.58
C ALA D 57 -2.42 -15.61 17.39
N LEU D 58 -1.14 -15.98 17.23
CA LEU D 58 -0.77 -16.89 16.15
C LEU D 58 -1.42 -18.26 16.32
N TYR D 59 -1.40 -18.79 17.55
CA TYR D 59 -2.01 -20.09 17.79
C TYR D 59 -3.46 -20.14 17.29
N PHE D 60 -4.28 -19.17 17.70
CA PHE D 60 -5.68 -19.24 17.31
C PHE D 60 -5.89 -19.00 15.83
N THR D 61 -5.15 -18.06 15.25
CA THR D 61 -5.21 -17.79 13.82
C THR D 61 -4.84 -19.01 12.98
N TYR D 62 -3.69 -19.63 13.28
CA TYR D 62 -3.26 -20.76 12.47
C TYR D 62 -4.11 -21.99 12.73
N SER D 63 -4.61 -22.16 13.95
CA SER D 63 -5.53 -23.27 14.17
C SER D 63 -6.77 -23.12 13.28
N ALA D 64 -7.32 -21.90 13.20
CA ALA D 64 -8.49 -21.66 12.36
C ALA D 64 -8.15 -21.88 10.88
N LEU D 65 -7.01 -21.33 10.44
CA LEU D 65 -6.67 -21.39 9.03
C LEU D 65 -6.43 -22.84 8.60
N GLU D 66 -5.77 -23.61 9.45
CA GLU D 66 -5.46 -24.98 9.06
C GLU D 66 -6.69 -25.87 9.15
N GLU D 67 -7.63 -25.57 10.06
CA GLU D 67 -8.93 -26.23 10.03
C GLU D 67 -9.64 -25.99 8.70
N GLU D 68 -9.67 -24.73 8.22
CA GLU D 68 -10.38 -24.46 6.96
C GLU D 68 -9.65 -25.00 5.74
N MET D 69 -8.32 -25.03 5.76
CA MET D 69 -7.62 -25.62 4.63
C MET D 69 -7.86 -27.13 4.58
N GLU D 70 -7.88 -27.79 5.74
CA GLU D 70 -8.24 -29.20 5.75
C GLU D 70 -9.68 -29.41 5.32
N ARG D 71 -10.60 -28.54 5.76
CA ARG D 71 -12.00 -28.68 5.33
C ARG D 71 -12.08 -28.60 3.81
N ASN D 72 -11.23 -27.80 3.19
CA ASN D 72 -11.30 -27.57 1.74
C ASN D 72 -10.22 -28.29 0.96
N LYS D 73 -9.65 -29.34 1.54
CA LYS D 73 -8.45 -29.94 0.95
C LYS D 73 -8.71 -30.54 -0.42
N ASP D 74 -9.96 -30.87 -0.74
CA ASP D 74 -10.31 -31.46 -2.04
C ASP D 74 -11.01 -30.47 -2.94
N HIS D 75 -11.25 -29.25 -2.48
CA HIS D 75 -11.96 -28.28 -3.29
C HIS D 75 -11.10 -27.85 -4.48
N PRO D 76 -11.69 -27.77 -5.68
CA PRO D 76 -10.89 -27.47 -6.89
C PRO D 76 -10.17 -26.13 -6.86
N ALA D 77 -10.74 -25.12 -6.21
CA ALA D 77 -10.08 -23.83 -6.15
C ALA D 77 -9.02 -23.75 -5.05
N PHE D 78 -8.79 -24.83 -4.28
CA PHE D 78 -7.77 -24.78 -3.24
C PHE D 78 -6.85 -26.00 -3.17
N ALA D 79 -7.35 -27.21 -3.51
CA ALA D 79 -6.63 -28.47 -3.30
C ALA D 79 -5.14 -28.48 -3.67
N PRO D 80 -4.72 -27.89 -4.80
CA PRO D 80 -3.28 -27.92 -5.14
C PRO D 80 -2.41 -27.24 -4.12
N LEU D 81 -2.99 -26.42 -3.25
CA LEU D 81 -2.25 -25.65 -2.26
C LEU D 81 -2.35 -26.24 -0.86
N TYR D 82 -2.89 -27.44 -0.73
CA TYR D 82 -2.95 -28.09 0.57
C TYR D 82 -1.60 -28.73 0.87
N PHE D 83 -0.91 -28.24 1.91
CA PHE D 83 0.46 -28.67 2.21
C PHE D 83 0.61 -28.89 3.71
N PRO D 84 -0.16 -29.84 4.29
CA PRO D 84 -0.12 -30.00 5.75
C PRO D 84 1.27 -30.30 6.26
N MET D 85 2.01 -31.14 5.53
CA MET D 85 3.29 -31.59 6.04
C MET D 85 4.33 -30.48 5.98
N GLU D 86 4.35 -29.70 4.89
CA GLU D 86 5.34 -28.65 4.71
C GLU D 86 4.98 -27.36 5.44
N LEU D 87 3.70 -27.00 5.56
CA LEU D 87 3.38 -25.65 6.01
C LEU D 87 2.72 -25.55 7.37
N HIS D 88 1.98 -26.57 7.80
CA HIS D 88 1.10 -26.35 8.94
C HIS D 88 1.90 -26.06 10.21
N ARG D 89 1.40 -25.08 10.97
CA ARG D 89 2.08 -24.51 12.12
C ARG D 89 1.43 -24.86 13.46
N LYS D 90 0.23 -25.47 13.47
CA LYS D 90 -0.47 -25.63 14.74
C LYS D 90 0.35 -26.46 15.72
N GLU D 91 0.99 -27.53 15.24
CA GLU D 91 1.73 -28.38 16.17
C GLU D 91 2.94 -27.64 16.74
N ALA D 92 3.67 -26.92 15.89
CA ALA D 92 4.78 -26.10 16.35
C ALA D 92 4.32 -25.04 17.34
N LEU D 93 3.20 -24.38 17.05
CA LEU D 93 2.69 -23.36 17.95
C LEU D 93 2.20 -23.95 19.27
N THR D 94 1.64 -25.17 19.26
CA THR D 94 1.29 -25.84 20.50
C THR D 94 2.51 -26.04 21.38
N LYS D 95 3.62 -26.48 20.77
CA LYS D 95 4.86 -26.63 21.52
C LYS D 95 5.31 -25.30 22.12
N ASP D 96 5.21 -24.21 21.35
CA ASP D 96 5.62 -22.91 21.89
C ASP D 96 4.71 -22.49 23.04
N MET D 97 3.39 -22.68 22.90
CA MET D 97 2.48 -22.34 24.00
C MET D 97 2.82 -23.15 25.25
N GLU D 98 3.05 -24.46 25.08
CA GLU D 98 3.45 -25.29 26.22
C GLU D 98 4.72 -24.78 26.87
N TYR D 99 5.70 -24.33 26.07
CA TYR D 99 6.95 -23.84 26.63
C TYR D 99 6.73 -22.57 27.45
N PHE D 100 6.00 -21.59 26.90
CA PHE D 100 5.85 -20.31 27.59
C PHE D 100 4.89 -20.40 28.78
N PHE D 101 3.83 -21.21 28.68
CA PHE D 101 2.78 -21.19 29.69
C PHE D 101 2.78 -22.43 30.58
N GLY D 102 3.35 -23.54 30.12
CA GLY D 102 3.24 -24.80 30.81
C GLY D 102 2.10 -25.66 30.28
N GLU D 103 1.97 -26.83 30.91
CA GLU D 103 0.96 -27.82 30.52
C GLU D 103 -0.45 -27.23 30.45
N ASN D 104 -0.78 -26.32 31.37
CA ASN D 104 -2.13 -25.79 31.50
C ASN D 104 -2.37 -24.56 30.65
N TRP D 105 -1.73 -24.47 29.47
CA TRP D 105 -1.72 -23.20 28.76
C TRP D 105 -3.12 -22.78 28.30
N GLU D 106 -3.98 -23.72 27.92
CA GLU D 106 -5.28 -23.32 27.38
C GLU D 106 -6.12 -22.60 28.42
N GLU D 107 -5.90 -22.86 29.70
CA GLU D 107 -6.67 -22.14 30.71
C GLU D 107 -6.11 -20.75 30.99
N GLN D 108 -4.90 -20.46 30.54
CA GLN D 108 -4.27 -19.18 30.83
C GLN D 108 -4.48 -18.12 29.76
N VAL D 109 -5.01 -18.47 28.60
CA VAL D 109 -5.03 -17.54 27.49
C VAL D 109 -6.44 -17.07 27.25
N GLN D 110 -6.55 -15.85 26.74
CA GLN D 110 -7.74 -15.38 26.07
C GLN D 110 -7.34 -14.97 24.65
N CYS D 111 -8.16 -15.32 23.66
CA CYS D 111 -7.84 -14.92 22.30
C CYS D 111 -8.07 -13.42 22.18
N PRO D 112 -7.06 -12.63 21.77
CA PRO D 112 -7.25 -11.18 21.63
C PRO D 112 -8.42 -10.84 20.71
N LYS D 113 -9.05 -9.68 20.99
CA LYS D 113 -10.25 -9.26 20.25
C LYS D 113 -10.01 -9.23 18.75
N ALA D 114 -8.92 -8.59 18.30
CA ALA D 114 -8.72 -8.47 16.86
C ALA D 114 -8.40 -9.82 16.24
N ALA D 115 -7.68 -10.66 16.96
CA ALA D 115 -7.40 -11.99 16.44
C ALA D 115 -8.66 -12.84 16.40
N GLN D 116 -9.60 -12.62 17.31
CA GLN D 116 -10.84 -13.38 17.25
C GLN D 116 -11.66 -12.97 16.04
N LYS D 117 -11.64 -11.69 15.67
CA LYS D 117 -12.34 -11.25 14.46
C LYS D 117 -11.70 -11.83 13.21
N TYR D 118 -10.37 -11.94 13.19
CA TYR D 118 -9.68 -12.57 12.07
C TYR D 118 -10.05 -14.05 11.98
N VAL D 119 -10.02 -14.75 13.12
CA VAL D 119 -10.42 -16.15 13.16
C VAL D 119 -11.81 -16.35 12.58
N GLU D 120 -12.76 -15.48 12.96
CA GLU D 120 -14.12 -15.61 12.46
C GLU D 120 -14.20 -15.38 10.95
N ARG D 121 -13.42 -14.42 10.44
CA ARG D 121 -13.36 -14.23 9.00
C ARG D 121 -12.77 -15.45 8.31
N ILE D 122 -11.77 -16.08 8.93
CA ILE D 122 -11.17 -17.27 8.33
C ILE D 122 -12.21 -18.38 8.23
N HIS D 123 -12.98 -18.60 9.30
CA HIS D 123 -14.01 -19.64 9.30
C HIS D 123 -15.13 -19.31 8.30
N TYR D 124 -15.52 -18.04 8.19
CA TYR D 124 -16.53 -17.64 7.21
C TYR D 124 -16.05 -17.94 5.78
N ILE D 125 -14.85 -17.49 5.43
CA ILE D 125 -14.32 -17.78 4.10
C ILE D 125 -14.27 -19.29 3.85
N GLY D 126 -13.70 -20.04 4.80
CA GLY D 126 -13.51 -21.46 4.56
C GLY D 126 -14.83 -22.21 4.42
N GLN D 127 -15.88 -21.68 5.03
CA GLN D 127 -17.18 -22.34 5.00
C GLN D 127 -18.12 -21.78 3.93
N ASN D 128 -17.85 -20.62 3.38
CA ASN D 128 -18.79 -19.99 2.46
C ASN D 128 -18.18 -19.54 1.14
N GLU D 129 -16.90 -19.13 1.14
CA GLU D 129 -16.21 -18.66 -0.08
C GLU D 129 -14.85 -19.32 -0.20
N PRO D 130 -14.81 -20.63 -0.43
CA PRO D 130 -13.53 -21.35 -0.42
C PRO D 130 -12.57 -20.91 -1.49
N GLU D 131 -13.06 -20.32 -2.58
CA GLU D 131 -12.14 -19.86 -3.60
C GLU D 131 -11.32 -18.66 -3.13
N LEU D 132 -11.65 -18.10 -1.96
CA LEU D 132 -10.89 -17.00 -1.37
C LEU D 132 -9.94 -17.45 -0.27
N LEU D 133 -9.99 -18.71 0.16
CA LEU D 133 -9.10 -19.15 1.23
C LEU D 133 -7.62 -18.97 0.88
N VAL D 134 -7.28 -19.06 -0.41
CA VAL D 134 -5.89 -18.89 -0.84
C VAL D 134 -5.34 -17.52 -0.46
N ALA D 135 -6.19 -16.48 -0.44
CA ALA D 135 -5.69 -15.16 -0.04
C ALA D 135 -5.10 -15.21 1.36
N HIS D 136 -5.76 -15.95 2.26
CA HIS D 136 -5.30 -16.02 3.64
C HIS D 136 -4.10 -16.95 3.79
N ALA D 137 -4.09 -18.06 3.05
CA ALA D 137 -2.94 -18.96 3.13
C ALA D 137 -1.71 -18.32 2.49
N TYR D 138 -1.88 -17.71 1.31
CA TYR D 138 -0.73 -17.09 0.64
C TYR D 138 -0.15 -15.98 1.48
N THR D 139 -1.01 -15.15 2.07
CA THR D 139 -0.56 -14.00 2.86
C THR D 139 0.21 -14.44 4.10
N ARG D 140 -0.21 -15.52 4.75
CA ARG D 140 0.50 -15.94 5.95
C ARG D 140 1.77 -16.73 5.61
N TYR D 141 1.63 -17.81 4.85
CA TYR D 141 2.75 -18.75 4.75
C TYR D 141 3.90 -18.22 3.89
N MET D 142 3.63 -17.43 2.85
CA MET D 142 4.73 -16.90 2.05
C MET D 142 5.64 -16.02 2.89
N GLY D 143 5.03 -15.15 3.69
CA GLY D 143 5.82 -14.30 4.56
C GLY D 143 6.51 -15.08 5.66
N ASP D 144 5.82 -16.08 6.24
CA ASP D 144 6.42 -16.95 7.25
C ASP D 144 7.69 -17.61 6.77
N LEU D 145 7.66 -18.13 5.54
CA LEU D 145 8.81 -18.88 5.02
C LEU D 145 10.02 -17.98 4.84
N SER D 146 9.78 -16.75 4.38
CA SER D 146 10.81 -15.77 4.03
C SER D 146 11.46 -15.13 5.26
N GLY D 147 10.64 -14.84 6.28
CA GLY D 147 11.04 -14.01 7.40
C GLY D 147 11.35 -14.75 8.67
N GLY D 148 11.06 -16.05 8.73
CA GLY D 148 11.14 -16.79 9.97
C GLY D 148 12.53 -16.78 10.60
N GLN D 149 13.57 -16.93 9.79
CA GLN D 149 14.91 -17.04 10.37
C GLN D 149 15.30 -15.75 11.08
N VAL D 150 14.99 -14.60 10.51
CA VAL D 150 15.31 -13.31 11.14
C VAL D 150 14.48 -13.13 12.40
N LEU D 151 13.17 -13.42 12.32
CA LEU D 151 12.30 -13.21 13.48
C LEU D 151 12.71 -14.10 14.63
N LYS D 152 13.01 -15.36 14.34
CA LYS D 152 13.41 -16.29 15.40
C LYS D 152 14.70 -15.82 16.08
N LYS D 153 15.66 -15.35 15.28
CA LYS D 153 16.92 -14.86 15.84
C LYS D 153 16.68 -13.65 16.74
N VAL D 154 15.82 -12.73 16.31
CA VAL D 154 15.52 -11.56 17.13
C VAL D 154 14.87 -11.98 18.44
N ALA D 155 13.86 -12.86 18.37
CA ALA D 155 13.17 -13.29 19.57
C ALA D 155 14.10 -14.01 20.53
N GLN D 156 14.99 -14.87 20.00
CA GLN D 156 15.88 -15.64 20.86
C GLN D 156 16.80 -14.73 21.65
N ARG D 157 17.41 -13.76 20.98
CA ARG D 157 18.31 -12.83 21.66
C ARG D 157 17.57 -11.95 22.66
N ALA D 158 16.39 -11.45 22.30
CA ALA D 158 15.70 -10.48 23.13
C ALA D 158 15.12 -11.10 24.39
N LEU D 159 14.60 -12.30 24.28
CA LEU D 159 13.96 -13.01 25.39
C LEU D 159 14.87 -14.03 26.04
N LYS D 160 16.11 -14.12 25.60
CA LYS D 160 17.07 -15.10 26.10
C LYS D 160 16.44 -16.49 26.09
N LEU D 161 15.87 -16.83 24.93
CA LEU D 161 15.27 -18.14 24.74
C LEU D 161 16.35 -19.16 24.42
N PRO D 162 16.11 -20.44 24.74
CA PRO D 162 17.11 -21.47 24.51
C PRO D 162 17.55 -21.55 23.06
N SER D 163 18.86 -21.75 22.88
CA SER D 163 19.41 -21.89 21.53
C SER D 163 18.91 -23.15 20.83
N THR D 164 18.40 -24.13 21.57
CA THR D 164 17.86 -25.34 20.96
C THR D 164 16.47 -25.13 20.34
N GLY D 165 15.86 -23.95 20.49
CA GLY D 165 14.70 -23.55 19.70
C GLY D 165 13.37 -23.50 20.43
N GLU D 166 13.30 -23.83 21.72
CA GLU D 166 12.02 -23.82 22.40
C GLU D 166 11.44 -22.42 22.39
N GLY D 167 10.12 -22.34 22.19
CA GLY D 167 9.40 -21.08 22.13
C GLY D 167 9.42 -20.40 20.78
N THR D 168 10.22 -20.89 19.81
CA THR D 168 10.28 -20.31 18.47
C THR D 168 10.12 -21.38 17.39
N GLN D 169 9.55 -22.53 17.70
CA GLN D 169 9.41 -23.54 16.67
C GLN D 169 8.44 -23.10 15.57
N PHE D 170 7.50 -22.19 15.86
CA PHE D 170 6.64 -21.60 14.81
C PHE D 170 7.46 -21.08 13.63
N TYR D 171 8.63 -20.50 13.92
CA TYR D 171 9.43 -19.79 12.91
C TYR D 171 10.34 -20.70 12.09
N LEU D 172 10.32 -22.01 12.34
CA LEU D 172 11.19 -22.97 11.66
C LEU D 172 10.33 -23.98 10.90
N PHE D 173 10.50 -24.07 9.59
CA PHE D 173 9.75 -25.02 8.77
C PHE D 173 10.63 -26.26 8.57
N GLU D 174 10.46 -27.24 9.47
CA GLU D 174 11.36 -28.37 9.47
C GLU D 174 11.26 -29.21 8.21
N ASN D 175 10.14 -29.12 7.48
CA ASN D 175 9.90 -29.97 6.33
C ASN D 175 10.08 -29.24 5.01
N VAL D 176 10.57 -28.01 5.05
CA VAL D 176 10.91 -27.25 3.85
C VAL D 176 12.42 -27.03 3.86
N ASP D 177 13.13 -27.68 2.94
CA ASP D 177 14.59 -27.53 2.88
C ASP D 177 15.00 -26.23 2.20
N ASN D 178 14.24 -25.79 1.19
CA ASN D 178 14.58 -24.61 0.39
C ASN D 178 13.34 -23.73 0.29
N ALA D 179 13.28 -22.66 1.07
CA ALA D 179 12.06 -21.85 1.13
C ALA D 179 11.79 -21.17 -0.20
N GLN D 180 12.85 -20.72 -0.88
CA GLN D 180 12.67 -20.04 -2.16
C GLN D 180 12.07 -20.96 -3.21
N GLN D 181 12.54 -22.21 -3.27
CA GLN D 181 11.98 -23.16 -4.23
C GLN D 181 10.54 -23.50 -3.89
N PHE D 182 10.23 -23.64 -2.62
CA PHE D 182 8.86 -23.96 -2.25
C PHE D 182 7.91 -22.82 -2.63
N LYS D 183 8.29 -21.57 -2.32
CA LYS D 183 7.47 -20.43 -2.71
C LYS D 183 7.25 -20.37 -4.22
N GLN D 184 8.30 -20.66 -4.99
CA GLN D 184 8.14 -20.71 -6.44
C GLN D 184 7.15 -21.78 -6.86
N LEU D 185 7.21 -22.96 -6.25
CA LEU D 185 6.25 -24.00 -6.58
C LEU D 185 4.85 -23.61 -6.15
N TYR D 186 4.71 -23.05 -4.93
CA TYR D 186 3.39 -22.61 -4.49
C TYR D 186 2.82 -21.59 -5.46
N ARG D 187 3.64 -20.62 -5.88
CA ARG D 187 3.16 -19.61 -6.80
C ARG D 187 2.74 -20.21 -8.14
N ALA D 188 3.51 -21.17 -8.64
CA ALA D 188 3.17 -21.76 -9.93
C ALA D 188 1.84 -22.48 -9.86
N ARG D 189 1.59 -23.18 -8.75
CA ARG D 189 0.32 -23.87 -8.59
C ARG D 189 -0.83 -22.89 -8.43
N MET D 190 -0.63 -21.84 -7.63
CA MET D 190 -1.64 -20.80 -7.49
C MET D 190 -1.97 -20.16 -8.84
N ASN D 191 -0.95 -19.84 -9.64
CA ASN D 191 -1.18 -19.24 -10.94
C ASN D 191 -1.85 -20.21 -11.93
N ALA D 192 -1.79 -21.52 -11.67
CA ALA D 192 -2.44 -22.47 -12.56
C ALA D 192 -3.90 -22.71 -12.20
N LEU D 193 -4.39 -22.17 -11.08
CA LEU D 193 -5.78 -22.37 -10.70
C LEU D 193 -6.69 -21.72 -11.73
N ASP D 194 -7.79 -22.40 -12.05
CA ASP D 194 -8.69 -21.91 -13.09
C ASP D 194 -9.65 -20.93 -12.43
N LEU D 195 -9.31 -19.65 -12.50
CA LEU D 195 -10.05 -18.57 -11.87
C LEU D 195 -10.18 -17.44 -12.90
N ASN D 196 -11.39 -16.93 -13.08
CA ASN D 196 -11.54 -15.80 -13.97
C ASN D 196 -10.99 -14.54 -13.31
N MET D 197 -10.88 -13.47 -14.10
CA MET D 197 -10.27 -12.25 -13.60
C MET D 197 -11.03 -11.69 -12.41
N LYS D 198 -12.36 -11.83 -12.43
CA LYS D 198 -13.19 -11.29 -11.36
C LYS D 198 -12.91 -11.98 -10.03
N THR D 199 -12.69 -13.29 -10.08
CA THR D 199 -12.38 -14.03 -8.86
C THR D 199 -10.99 -13.67 -8.36
N LYS D 200 -10.02 -13.58 -9.26
CA LYS D 200 -8.69 -13.11 -8.87
C LYS D 200 -8.76 -11.75 -8.18
N GLU D 201 -9.61 -10.84 -8.67
CA GLU D 201 -9.67 -9.52 -8.07
C GLU D 201 -10.26 -9.58 -6.66
N ARG D 202 -11.25 -10.47 -6.46
CA ARG D 202 -11.80 -10.74 -5.13
C ARG D 202 -10.76 -11.34 -4.18
N ILE D 203 -9.89 -12.23 -4.70
CA ILE D 203 -8.81 -12.76 -3.89
C ILE D 203 -7.82 -11.66 -3.47
N VAL D 204 -7.51 -10.74 -4.38
CA VAL D 204 -6.66 -9.60 -4.02
C VAL D 204 -7.31 -8.78 -2.90
N GLU D 205 -8.62 -8.52 -3.01
CA GLU D 205 -9.32 -7.80 -1.95
C GLU D 205 -9.25 -8.58 -0.63
N GLU D 206 -9.42 -9.90 -0.69
CA GLU D 206 -9.38 -10.67 0.54
C GLU D 206 -7.99 -10.62 1.17
N ALA D 207 -6.93 -10.69 0.35
CA ALA D 207 -5.58 -10.57 0.87
C ALA D 207 -5.38 -9.22 1.54
N ASN D 208 -5.95 -8.15 0.98
CA ASN D 208 -5.85 -6.86 1.65
C ASN D 208 -6.56 -6.89 2.99
N LYS D 209 -7.66 -7.64 3.09
CA LYS D 209 -8.38 -7.76 4.34
C LYS D 209 -7.55 -8.51 5.38
N ALA D 210 -6.87 -9.58 4.94
CA ALA D 210 -5.92 -10.29 5.80
C ALA D 210 -4.84 -9.36 6.34
N PHE D 211 -4.19 -8.57 5.48
CA PHE D 211 -3.15 -7.67 5.98
C PHE D 211 -3.73 -6.66 6.96
N GLU D 212 -4.98 -6.28 6.74
CA GLU D 212 -5.65 -5.33 7.61
C GLU D 212 -5.90 -5.93 8.98
N TYR D 213 -6.32 -7.19 9.02
CA TYR D 213 -6.43 -7.90 10.29
C TYR D 213 -5.07 -8.01 10.96
N ASN D 214 -4.01 -8.29 10.20
CA ASN D 214 -2.67 -8.34 10.81
C ASN D 214 -2.34 -7.01 11.48
N MET D 215 -2.57 -5.92 10.76
CA MET D 215 -2.31 -4.59 11.33
C MET D 215 -3.11 -4.38 12.63
N GLN D 216 -4.40 -4.70 12.60
CA GLN D 216 -5.24 -4.54 13.80
C GLN D 216 -4.73 -5.38 14.96
N ILE D 217 -4.24 -6.58 14.68
CA ILE D 217 -3.71 -7.43 15.74
C ILE D 217 -2.44 -6.80 16.31
N PHE D 218 -1.53 -6.36 15.44
CA PHE D 218 -0.33 -5.65 15.90
C PHE D 218 -0.69 -4.44 16.74
N ASN D 219 -1.64 -3.64 16.26
CA ASN D 219 -1.99 -2.42 17.00
C ASN D 219 -2.53 -2.76 18.39
N GLU D 220 -3.32 -3.82 18.49
CA GLU D 220 -3.85 -4.27 19.77
C GLU D 220 -2.74 -4.79 20.69
N LEU D 221 -1.72 -5.43 20.11
CA LEU D 221 -0.56 -5.84 20.90
C LEU D 221 0.22 -4.63 21.43
N ASP D 222 0.38 -3.60 20.60
CA ASP D 222 1.08 -2.40 21.07
C ASP D 222 0.31 -1.71 22.19
N GLN D 223 -1.03 -1.75 22.14
CA GLN D 223 -1.85 -1.22 23.22
C GLN D 223 -1.91 -2.13 24.45
N ALA D 224 -1.31 -3.32 24.40
CA ALA D 224 -1.33 -4.22 25.57
C ALA D 224 0.05 -4.29 26.21
#